data_9CP0
#
_entry.id   9CP0
#
_cell.length_a   46.386
_cell.length_b   66.211
_cell.length_c   87.752
_cell.angle_alpha   74.540
_cell.angle_beta   81.670
_cell.angle_gamma   78.610
#
_symmetry.space_group_name_H-M   'P 1'
#
loop_
_entity.id
_entity.type
_entity.pdbx_description
1 polymer 'Spike protein'
2 non-polymer 'CALCIUM ION'
3 water water
#
_entity_poly.entity_id   1
_entity_poly.type   'polypeptide(L)'
_entity_poly.pdbx_seq_one_letter_code
;MGGPTTDPVQIYSPSLFGEPALYGSTATIGQRVPVAAVCMQAVGGAQKVYTYSLRELLDPVFVQNGNIIDITVIDLPTYP
IYQKDGSDYSPIGDVYAAHFTTIGSSRPVQWTTVLWRANISKQIRLRGHATPTDQFLFFNPQLSMSGSNLPTTTYGLTVS
SLVSLTERQEEINAGKWYLSTFVAFNGRREFDNYGIPFYLSLQQIDTQQGNYEPTTEAYNVGAMLNTATPLKLHLNAAAA
ELALVPR
;
_entity_poly.pdbx_strand_id   B,C,D,A
#
# COMPACT_ATOMS: atom_id res chain seq x y z
N PRO A 8 -27.07 -16.25 -24.10
CA PRO A 8 -25.94 -16.00 -23.18
C PRO A 8 -25.02 -17.21 -23.12
N VAL A 9 -23.72 -17.01 -23.39
CA VAL A 9 -22.74 -18.08 -23.43
C VAL A 9 -21.74 -17.91 -22.29
N GLN A 10 -21.56 -18.97 -21.51
CA GLN A 10 -20.46 -19.04 -20.56
C GLN A 10 -19.18 -19.41 -21.29
N ILE A 11 -18.09 -18.73 -20.95
CA ILE A 11 -16.78 -18.99 -21.54
C ILE A 11 -15.78 -19.21 -20.41
N TYR A 12 -14.92 -20.21 -20.58
CA TYR A 12 -13.76 -20.39 -19.73
C TYR A 12 -12.62 -20.95 -20.57
N SER A 13 -11.42 -20.89 -20.01
CA SER A 13 -10.21 -21.36 -20.66
C SER A 13 -9.10 -21.47 -19.64
N PRO A 14 -8.21 -22.46 -19.79
CA PRO A 14 -6.99 -22.47 -18.97
C PRO A 14 -6.07 -21.34 -19.40
N SER A 15 -5.44 -20.71 -18.40
CA SER A 15 -4.56 -19.56 -18.69
C SER A 15 -3.17 -20.09 -19.05
N LEU A 16 -2.45 -19.35 -19.89
CA LEU A 16 -1.05 -19.74 -20.20
C LEU A 16 -0.20 -19.41 -18.97
N PHE A 17 1.02 -19.95 -18.92
CA PHE A 17 1.93 -19.70 -17.78
C PHE A 17 2.10 -18.19 -17.60
N GLY A 18 1.70 -17.67 -16.44
CA GLY A 18 1.88 -16.24 -16.15
C GLY A 18 1.06 -15.31 -17.02
N GLU A 19 -0.01 -15.80 -17.64
CA GLU A 19 -0.74 -14.92 -18.54
C GLU A 19 -1.43 -13.82 -17.74
N PRO A 20 -1.28 -12.55 -18.12
CA PRO A 20 -1.93 -11.47 -17.37
C PRO A 20 -3.45 -11.60 -17.36
N ALA A 21 -4.05 -11.19 -16.26
CA ALA A 21 -5.50 -11.15 -16.19
C ALA A 21 -6.04 -9.96 -16.99
N LEU A 22 -7.33 -10.04 -17.31
CA LEU A 22 -8.01 -8.97 -18.02
C LEU A 22 -7.83 -7.64 -17.31
N TYR A 23 -7.47 -6.60 -18.08
CA TYR A 23 -7.35 -5.25 -17.56
C TYR A 23 -7.97 -4.26 -18.53
N GLY A 24 -8.08 -3.01 -18.07
CA GLY A 24 -8.65 -1.94 -18.86
C GLY A 24 -7.56 -1.01 -19.34
N SER A 25 -7.78 -0.40 -20.50
CA SER A 25 -6.86 0.60 -20.99
C SER A 25 -7.63 1.77 -21.56
N THR A 26 -7.11 2.98 -21.33
CA THR A 26 -7.62 4.19 -21.96
C THR A 26 -6.46 4.85 -22.70
N ALA A 27 -6.76 5.39 -23.87
CA ALA A 27 -5.70 5.96 -24.70
C ALA A 27 -6.09 7.29 -25.35
N THR A 28 -7.14 7.97 -24.87
CA THR A 28 -7.65 9.16 -25.54
C THR A 28 -7.86 10.27 -24.52
N ILE A 29 -7.33 11.46 -24.82
CA ILE A 29 -7.57 12.66 -24.04
C ILE A 29 -7.76 13.81 -25.02
N GLY A 30 -8.90 14.47 -24.97
CA GLY A 30 -9.17 15.52 -25.93
C GLY A 30 -9.28 14.93 -27.32
N GLN A 31 -8.55 15.51 -28.26
CA GLN A 31 -8.51 15.01 -29.63
C GLN A 31 -7.42 13.98 -29.85
N ARG A 32 -6.64 13.66 -28.82
CA ARG A 32 -5.55 12.72 -28.96
C ARG A 32 -6.10 11.30 -29.03
N VAL A 33 -5.57 10.50 -29.95
CA VAL A 33 -5.89 9.08 -30.10
C VAL A 33 -4.57 8.35 -30.21
N PRO A 34 -4.50 7.07 -29.83
CA PRO A 34 -3.21 6.36 -29.92
C PRO A 34 -2.70 6.28 -31.35
N VAL A 35 -1.39 6.10 -31.47
CA VAL A 35 -0.80 5.92 -32.80
C VAL A 35 -1.14 4.54 -33.34
N ALA A 36 -1.11 3.53 -32.49
CA ALA A 36 -1.47 2.17 -32.91
C ALA A 36 -2.15 1.46 -31.77
N ALA A 37 -3.29 0.86 -32.04
CA ALA A 37 -4.08 0.19 -31.01
C ALA A 37 -5.12 -0.68 -31.69
N VAL A 38 -5.77 -1.51 -30.87
CA VAL A 38 -6.91 -2.28 -31.32
C VAL A 38 -8.12 -1.36 -31.34
N CYS A 39 -8.87 -1.39 -32.45
CA CYS A 39 -10.00 -0.51 -32.68
C CYS A 39 -11.30 -1.29 -32.84
N MET A 40 -12.38 -0.75 -32.26
CA MET A 40 -13.73 -1.28 -32.44
C MET A 40 -14.56 -0.15 -33.04
N GLN A 41 -15.08 -0.37 -34.25
CA GLN A 41 -15.87 0.63 -34.95
C GLN A 41 -17.35 0.25 -34.90
N ALA A 42 -18.22 1.26 -34.84
CA ALA A 42 -19.65 1.00 -34.87
C ALA A 42 -20.03 0.35 -36.19
N VAL A 43 -20.95 -0.62 -36.13
CA VAL A 43 -21.32 -1.35 -37.34
C VAL A 43 -21.96 -0.41 -38.36
N GLY A 44 -22.72 0.57 -37.90
CA GLY A 44 -23.38 1.47 -38.83
C GLY A 44 -22.97 2.92 -38.69
N GLY A 45 -21.74 3.16 -38.24
CA GLY A 45 -21.27 4.50 -38.00
C GLY A 45 -19.77 4.62 -38.14
N ALA A 46 -19.28 5.83 -37.91
CA ALA A 46 -17.85 6.12 -37.95
C ALA A 46 -17.25 6.26 -36.55
N GLN A 47 -18.01 5.97 -35.50
CA GLN A 47 -17.49 6.12 -34.15
C GLN A 47 -16.58 4.95 -33.81
N LYS A 48 -15.61 5.19 -32.92
CA LYS A 48 -14.60 4.20 -32.60
C LYS A 48 -14.17 4.34 -31.14
N VAL A 49 -13.73 3.21 -30.58
CA VAL A 49 -13.04 3.18 -29.30
C VAL A 49 -11.75 2.39 -29.51
N TYR A 50 -10.83 2.54 -28.57
CA TYR A 50 -9.49 1.97 -28.70
C TYR A 50 -9.13 1.21 -27.43
N THR A 51 -8.16 0.30 -27.57
CA THR A 51 -7.66 -0.46 -26.44
C THR A 51 -6.30 -1.04 -26.82
N TYR A 52 -5.54 -1.38 -25.79
CA TYR A 52 -4.36 -2.24 -25.93
C TYR A 52 -4.60 -3.61 -25.30
N SER A 53 -5.80 -3.87 -24.79
CA SER A 53 -6.13 -5.17 -24.22
C SER A 53 -6.30 -6.22 -25.32
N LEU A 54 -5.56 -7.33 -25.19
CA LEU A 54 -5.57 -8.39 -26.20
C LEU A 54 -5.05 -9.68 -25.56
N ARG A 55 -5.94 -10.45 -24.94
CA ARG A 55 -5.57 -11.61 -24.16
C ARG A 55 -6.04 -12.90 -24.83
N GLU A 56 -5.09 -13.76 -25.19
CA GLU A 56 -5.40 -15.00 -25.87
C GLU A 56 -6.06 -15.99 -24.92
N LEU A 57 -7.08 -16.69 -25.44
CA LEU A 57 -7.72 -17.78 -24.68
C LEU A 57 -7.09 -19.08 -25.21
N LEU A 58 -6.17 -19.68 -24.45
CA LEU A 58 -5.42 -20.88 -24.91
C LEU A 58 -6.34 -21.94 -25.52
N ASP A 59 -7.32 -22.41 -24.75
CA ASP A 59 -8.21 -23.50 -25.22
C ASP A 59 -9.60 -23.23 -24.64
N PRO A 60 -10.39 -22.32 -25.23
CA PRO A 60 -11.68 -21.92 -24.62
C PRO A 60 -12.71 -23.02 -24.76
N VAL A 61 -13.75 -22.90 -23.93
CA VAL A 61 -14.91 -23.76 -23.99
C VAL A 61 -16.13 -22.87 -23.84
N PHE A 62 -17.11 -23.04 -24.71
CA PHE A 62 -18.31 -22.22 -24.70
C PHE A 62 -19.46 -23.09 -24.22
N VAL A 63 -20.22 -22.58 -23.25
CA VAL A 63 -21.35 -23.32 -22.69
C VAL A 63 -22.57 -22.43 -22.75
N GLN A 64 -23.64 -22.96 -23.32
CA GLN A 64 -24.89 -22.23 -23.45
C GLN A 64 -26.01 -23.08 -22.87
N ASN A 65 -26.67 -22.55 -21.84
CA ASN A 65 -27.81 -23.21 -21.20
C ASN A 65 -27.47 -24.62 -20.74
N GLY A 66 -26.22 -24.84 -20.35
CA GLY A 66 -25.79 -26.10 -19.78
C GLY A 66 -25.04 -27.03 -20.71
N ASN A 67 -24.88 -26.67 -21.99
CA ASN A 67 -24.24 -27.57 -22.94
C ASN A 67 -23.14 -26.86 -23.72
N ILE A 68 -22.01 -27.56 -23.88
CA ILE A 68 -20.94 -27.08 -24.74
C ILE A 68 -21.46 -26.89 -26.16
N ILE A 69 -21.14 -25.75 -26.78
CA ILE A 69 -21.59 -25.47 -28.13
C ILE A 69 -20.41 -25.02 -29.00
N ASP A 70 -20.59 -25.16 -30.31
CA ASP A 70 -19.65 -24.65 -31.31
C ASP A 70 -20.20 -23.32 -31.78
N ILE A 71 -19.67 -22.23 -31.22
CA ILE A 71 -20.21 -20.90 -31.45
C ILE A 71 -20.08 -20.43 -32.89
N THR A 72 -19.25 -21.08 -33.70
CA THR A 72 -19.05 -20.64 -35.08
C THR A 72 -20.08 -21.21 -36.05
N VAL A 73 -20.80 -22.26 -35.66
CA VAL A 73 -21.75 -22.85 -36.59
C VAL A 73 -23.16 -22.49 -36.14
N PRO A 77 -23.88 -13.96 -37.28
CA PRO A 77 -23.80 -12.51 -37.52
C PRO A 77 -22.68 -11.85 -36.70
N THR A 78 -21.49 -11.71 -37.30
CA THR A 78 -20.31 -11.23 -36.61
C THR A 78 -19.94 -9.84 -37.09
N TYR A 79 -19.30 -9.05 -36.20
CA TYR A 79 -18.82 -7.74 -36.61
C TYR A 79 -17.31 -7.66 -36.41
N PRO A 80 -16.59 -6.97 -37.28
CA PRO A 80 -15.13 -7.07 -37.27
C PRO A 80 -14.50 -6.25 -36.17
N ILE A 81 -13.30 -6.67 -35.77
CA ILE A 81 -12.44 -5.91 -34.87
C ILE A 81 -11.17 -5.56 -35.63
N TYR A 82 -10.75 -4.30 -35.53
CA TYR A 82 -9.67 -3.79 -36.34
C TYR A 82 -8.46 -3.43 -35.48
N GLN A 83 -7.36 -3.17 -36.17
CA GLN A 83 -6.22 -2.47 -35.61
C GLN A 83 -6.16 -1.09 -36.24
N LYS A 84 -5.79 -0.09 -35.42
CA LYS A 84 -5.36 1.20 -35.92
C LYS A 84 -3.84 1.19 -35.94
N ASP A 85 -3.27 1.54 -37.10
CA ASP A 85 -1.81 1.58 -37.26
C ASP A 85 -1.48 2.88 -38.00
N GLY A 86 -1.14 3.92 -37.24
CA GLY A 86 -0.99 5.23 -37.86
C GLY A 86 -2.36 5.77 -38.23
N SER A 87 -2.49 6.28 -39.46
CA SER A 87 -3.79 6.63 -39.99
C SER A 87 -4.54 5.43 -40.57
N ASP A 88 -3.89 4.28 -40.66
CA ASP A 88 -4.47 3.11 -41.31
C ASP A 88 -5.27 2.28 -40.31
N TYR A 89 -6.39 1.74 -40.77
CA TYR A 89 -7.16 0.75 -40.03
C TYR A 89 -7.25 -0.52 -40.84
N SER A 90 -7.21 -1.67 -40.15
CA SER A 90 -7.26 -2.91 -40.88
C SER A 90 -7.96 -3.96 -40.04
N PRO A 91 -8.77 -4.82 -40.63
CA PRO A 91 -9.45 -5.86 -39.84
C PRO A 91 -8.49 -6.92 -39.40
N ILE A 92 -8.68 -7.40 -38.18
CA ILE A 92 -7.87 -8.48 -37.64
C ILE A 92 -8.70 -9.67 -37.18
N GLY A 93 -9.99 -9.50 -36.93
CA GLY A 93 -10.79 -10.63 -36.47
C GLY A 93 -12.27 -10.30 -36.50
N ASP A 94 -13.05 -11.25 -35.98
CA ASP A 94 -14.50 -11.13 -35.96
C ASP A 94 -15.02 -11.39 -34.55
N VAL A 95 -15.95 -10.55 -34.10
CA VAL A 95 -16.50 -10.64 -32.75
C VAL A 95 -17.72 -11.54 -32.78
N TYR A 96 -17.76 -12.49 -31.84
CA TYR A 96 -18.86 -13.43 -31.70
C TYR A 96 -19.77 -13.17 -30.50
N ALA A 97 -19.25 -12.54 -29.45
CA ALA A 97 -20.02 -12.23 -28.26
C ALA A 97 -19.43 -10.99 -27.59
N ALA A 98 -20.27 -10.29 -26.82
CA ALA A 98 -19.84 -9.13 -26.05
C ALA A 98 -20.82 -8.89 -24.91
N HIS A 99 -20.37 -8.13 -23.91
CA HIS A 99 -21.20 -7.76 -22.78
C HIS A 99 -20.67 -6.48 -22.16
N PHE A 100 -21.58 -5.72 -21.56
CA PHE A 100 -21.27 -4.42 -20.98
C PHE A 100 -21.78 -4.35 -19.54
N THR A 101 -21.11 -3.52 -18.73
CA THR A 101 -21.58 -3.22 -17.38
C THR A 101 -20.82 -2.01 -16.84
N THR A 102 -21.48 -1.27 -15.97
CA THR A 102 -20.87 -0.17 -15.23
C THR A 102 -20.62 -0.62 -13.80
N ILE A 103 -19.39 -0.38 -13.31
CA ILE A 103 -19.01 -0.66 -11.95
C ILE A 103 -18.76 0.66 -11.25
N GLY A 104 -19.53 0.94 -10.21
CA GLY A 104 -19.38 2.14 -9.43
C GLY A 104 -20.62 3.03 -9.51
N SER A 105 -20.69 3.96 -8.56
CA SER A 105 -21.80 4.92 -8.50
C SER A 105 -21.29 6.34 -8.70
N SER A 106 -20.60 6.91 -7.71
CA SER A 106 -20.13 8.29 -7.85
C SER A 106 -19.05 8.41 -8.93
N ARG A 107 -18.15 7.41 -9.01
CA ARG A 107 -17.09 7.36 -10.01
C ARG A 107 -17.23 6.06 -10.78
N PRO A 108 -18.08 6.04 -11.80
CA PRO A 108 -18.36 4.78 -12.51
C PRO A 108 -17.31 4.46 -13.54
N VAL A 109 -17.14 3.15 -13.78
CA VAL A 109 -16.21 2.64 -14.79
C VAL A 109 -17.03 1.80 -15.76
N GLN A 110 -17.09 2.23 -17.02
CA GLN A 110 -17.82 1.47 -18.03
C GLN A 110 -16.89 0.45 -18.65
N TRP A 111 -17.33 -0.81 -18.68
CA TRP A 111 -16.51 -1.95 -19.06
C TRP A 111 -17.24 -2.77 -20.12
N THR A 112 -16.61 -2.92 -21.29
CA THR A 112 -17.14 -3.78 -22.36
C THR A 112 -16.09 -4.81 -22.73
N THR A 113 -16.45 -6.10 -22.62
CA THR A 113 -15.58 -7.18 -23.05
C THR A 113 -16.15 -7.79 -24.33
N VAL A 114 -15.27 -8.08 -25.29
CA VAL A 114 -15.68 -8.69 -26.54
C VAL A 114 -14.81 -9.91 -26.80
N LEU A 115 -15.48 -10.99 -27.13
CA LEU A 115 -14.85 -12.21 -27.59
C LEU A 115 -14.76 -12.16 -29.11
N TRP A 116 -13.58 -12.42 -29.66
CA TRP A 116 -13.39 -12.36 -31.09
C TRP A 116 -12.33 -13.37 -31.51
N ARG A 117 -12.42 -13.82 -32.75
CA ARG A 117 -11.47 -14.78 -33.30
C ARG A 117 -10.67 -14.09 -34.41
N ALA A 118 -9.35 -14.21 -34.34
CA ALA A 118 -8.48 -13.61 -35.35
C ALA A 118 -8.70 -14.28 -36.70
N ASN A 119 -8.67 -13.47 -37.75
CA ASN A 119 -8.77 -13.96 -39.13
C ASN A 119 -7.49 -13.74 -39.92
N ILE A 120 -6.39 -13.41 -39.25
CA ILE A 120 -5.10 -13.24 -39.89
C ILE A 120 -4.02 -13.49 -38.85
N SER A 121 -2.85 -13.93 -39.29
CA SER A 121 -1.70 -14.17 -38.43
C SER A 121 -0.64 -13.11 -38.79
N LYS A 122 -0.43 -12.16 -37.88
CA LYS A 122 0.50 -11.07 -38.12
C LYS A 122 0.82 -10.40 -36.79
N GLN A 123 1.69 -9.39 -36.84
CA GLN A 123 2.12 -8.65 -35.66
C GLN A 123 1.32 -7.36 -35.57
N ILE A 124 0.54 -7.20 -34.50
CA ILE A 124 -0.30 -6.04 -34.32
C ILE A 124 0.49 -4.96 -33.59
N ARG A 125 0.48 -3.74 -34.14
CA ARG A 125 1.25 -2.64 -33.58
C ARG A 125 0.47 -1.95 -32.47
N LEU A 126 1.14 -1.75 -31.34
CA LEU A 126 0.63 -0.94 -30.24
C LEU A 126 1.62 0.18 -30.00
N ARG A 127 1.14 1.41 -30.00
CA ARG A 127 1.99 2.58 -29.76
C ARG A 127 1.09 3.75 -29.39
N GLY A 128 1.29 4.30 -28.20
CA GLY A 128 0.49 5.43 -27.77
C GLY A 128 0.93 6.71 -28.45
N HIS A 129 0.07 7.72 -28.33
CA HIS A 129 0.42 9.07 -28.75
C HIS A 129 1.72 9.51 -28.09
N ALA A 130 2.49 10.34 -28.80
CA ALA A 130 3.77 10.81 -28.29
C ALA A 130 3.60 11.51 -26.94
N THR A 131 2.59 12.37 -26.83
CA THR A 131 2.25 12.96 -25.55
C THR A 131 1.59 11.91 -24.67
N PRO A 132 1.99 11.79 -23.39
CA PRO A 132 1.39 10.77 -22.52
C PRO A 132 -0.13 10.88 -22.49
N THR A 133 -0.78 9.76 -22.84
CA THR A 133 -2.23 9.69 -22.90
C THR A 133 -2.75 8.35 -22.41
N ASP A 134 -1.88 7.37 -22.15
CA ASP A 134 -2.24 5.99 -21.87
C ASP A 134 -2.32 5.72 -20.38
N GLN A 135 -3.45 5.16 -19.93
CA GLN A 135 -3.63 4.73 -18.56
C GLN A 135 -4.30 3.37 -18.55
N PHE A 136 -4.00 2.59 -17.53
CA PHE A 136 -4.50 1.23 -17.39
C PHE A 136 -5.22 1.08 -16.08
N LEU A 137 -6.26 0.25 -16.07
CA LEU A 137 -7.17 0.10 -14.94
C LEU A 137 -7.31 -1.38 -14.61
N PHE A 138 -7.28 -1.69 -13.32
CA PHE A 138 -7.43 -3.07 -12.86
C PHE A 138 -8.15 -3.06 -11.54
N PHE A 139 -9.13 -3.96 -11.39
CA PHE A 139 -9.82 -4.16 -10.13
C PHE A 139 -9.07 -5.25 -9.38
N ASN A 140 -8.09 -4.84 -8.57
CA ASN A 140 -7.23 -5.80 -7.91
C ASN A 140 -7.96 -6.45 -6.73
N PRO A 141 -8.15 -7.77 -6.74
CA PRO A 141 -8.82 -8.43 -5.62
C PRO A 141 -7.99 -8.33 -4.35
N GLN A 142 -8.63 -7.97 -3.25
CA GLN A 142 -7.93 -7.81 -1.99
C GLN A 142 -8.58 -8.66 -0.90
N LEU A 143 -7.75 -9.19 -0.01
CA LEU A 143 -8.23 -9.84 1.21
C LEU A 143 -8.48 -8.77 2.25
N SER A 144 -9.73 -8.58 2.63
CA SER A 144 -10.09 -7.62 3.65
C SER A 144 -10.56 -8.37 4.90
N MET A 145 -10.18 -7.84 6.06
CA MET A 145 -10.51 -8.43 7.33
C MET A 145 -11.04 -7.35 8.26
N SER A 146 -12.21 -7.60 8.83
CA SER A 146 -12.82 -6.71 9.82
C SER A 146 -12.72 -7.41 11.17
N GLY A 147 -11.66 -7.09 11.91
CA GLY A 147 -11.46 -7.63 13.23
C GLY A 147 -10.97 -9.06 13.25
N SER A 148 -11.53 -9.88 14.14
CA SER A 148 -11.18 -11.30 14.24
C SER A 148 -12.22 -12.18 13.57
N ASN A 149 -12.60 -11.89 12.34
CA ASN A 149 -13.61 -12.66 11.64
C ASN A 149 -13.08 -13.15 10.30
N LEU A 150 -13.89 -13.97 9.64
CA LEU A 150 -13.52 -14.51 8.35
C LEU A 150 -13.34 -13.38 7.33
N PRO A 151 -12.29 -13.44 6.52
CA PRO A 151 -12.04 -12.36 5.56
C PRO A 151 -12.97 -12.45 4.36
N THR A 152 -13.10 -11.33 3.67
CA THR A 152 -13.84 -11.24 2.42
C THR A 152 -12.91 -10.70 1.34
N THR A 153 -13.41 -10.69 0.10
CA THR A 153 -12.65 -10.15 -1.03
C THR A 153 -13.25 -8.80 -1.43
N THR A 154 -12.49 -7.73 -1.22
CA THR A 154 -12.80 -6.42 -1.79
C THR A 154 -11.93 -6.19 -3.02
N TYR A 155 -12.35 -5.20 -3.82
CA TYR A 155 -11.64 -4.86 -5.06
C TYR A 155 -11.32 -3.37 -5.03
N GLY A 156 -10.03 -3.04 -5.15
CA GLY A 156 -9.64 -1.67 -5.37
C GLY A 156 -9.49 -1.36 -6.84
N LEU A 157 -9.51 -0.07 -7.17
CA LEU A 157 -9.34 0.36 -8.56
C LEU A 157 -7.90 0.85 -8.69
N THR A 158 -7.06 0.03 -9.32
CA THR A 158 -5.68 0.41 -9.62
C THR A 158 -5.67 1.13 -10.97
N VAL A 159 -5.21 2.39 -10.97
CA VAL A 159 -5.08 3.20 -12.17
C VAL A 159 -3.61 3.56 -12.33
N SER A 160 -3.03 3.20 -13.48
CA SER A 160 -1.63 3.52 -13.70
C SER A 160 -1.47 5.01 -13.94
N SER A 161 -0.23 5.49 -13.77
CA SER A 161 0.06 6.88 -14.06
C SER A 161 0.02 7.11 -15.57
N LEU A 162 0.01 8.38 -15.95
CA LEU A 162 0.02 8.73 -17.37
C LEU A 162 1.35 8.33 -17.99
N VAL A 163 1.30 7.62 -19.12
CA VAL A 163 2.49 7.20 -19.84
C VAL A 163 2.21 7.29 -21.33
N SER A 164 3.29 7.35 -22.10
CA SER A 164 3.22 7.21 -23.55
C SER A 164 3.69 5.80 -23.89
N LEU A 165 2.74 4.93 -24.23
CA LEU A 165 3.04 3.53 -24.46
C LEU A 165 4.12 3.37 -25.52
N THR A 166 5.24 2.76 -25.14
CA THR A 166 6.32 2.52 -26.08
C THR A 166 5.89 1.55 -27.17
N GLU A 167 6.35 1.81 -28.39
CA GLU A 167 6.03 0.96 -29.53
C GLU A 167 6.35 -0.50 -29.22
N ARG A 168 5.52 -1.39 -29.78
CA ARG A 168 5.66 -2.82 -29.55
C ARG A 168 4.82 -3.55 -30.58
N GLN A 169 5.02 -4.86 -30.64
CA GLN A 169 4.32 -5.74 -31.57
C GLN A 169 3.71 -6.88 -30.78
N GLU A 170 2.39 -7.06 -30.90
CA GLU A 170 1.69 -8.19 -30.30
C GLU A 170 1.26 -9.15 -31.39
N GLU A 171 1.66 -10.41 -31.27
CA GLU A 171 1.36 -11.42 -32.28
C GLU A 171 -0.01 -12.02 -32.05
N ILE A 172 -0.81 -12.08 -33.10
CA ILE A 172 -2.07 -12.81 -33.10
C ILE A 172 -2.02 -13.85 -34.21
N ASN A 173 -2.76 -14.93 -34.02
CA ASN A 173 -2.80 -16.02 -34.97
C ASN A 173 -4.24 -16.29 -35.39
N ALA A 174 -4.46 -16.41 -36.69
CA ALA A 174 -5.79 -16.68 -37.19
C ALA A 174 -6.34 -17.98 -36.62
N GLY A 175 -7.60 -17.95 -36.21
CA GLY A 175 -8.27 -19.09 -35.64
C GLY A 175 -8.29 -19.12 -34.13
N LYS A 176 -7.43 -18.34 -33.47
CA LYS A 176 -7.39 -18.29 -32.03
C LYS A 176 -8.41 -17.30 -31.50
N TRP A 177 -8.84 -17.52 -30.27
CA TRP A 177 -9.82 -16.66 -29.61
C TRP A 177 -9.12 -15.67 -28.70
N TYR A 178 -9.60 -14.43 -28.71
CA TYR A 178 -8.97 -13.35 -27.96
C TYR A 178 -10.06 -12.54 -27.27
N LEU A 179 -9.80 -12.18 -26.02
CA LEU A 179 -10.62 -11.22 -25.30
C LEU A 179 -10.01 -9.83 -25.51
N SER A 180 -10.87 -8.80 -25.48
CA SER A 180 -10.41 -7.41 -25.59
C SER A 180 -11.42 -6.52 -24.87
N THR A 181 -10.93 -5.70 -23.94
CA THR A 181 -11.79 -4.81 -23.20
C THR A 181 -11.80 -3.43 -23.82
N PHE A 182 -12.91 -2.72 -23.65
CA PHE A 182 -13.04 -1.32 -24.05
C PHE A 182 -13.68 -0.62 -22.87
N VAL A 183 -12.89 0.19 -22.15
CA VAL A 183 -13.29 0.73 -20.85
C VAL A 183 -13.21 2.25 -20.88
N ALA A 184 -13.96 2.86 -19.96
CA ALA A 184 -14.00 4.31 -19.81
C ALA A 184 -14.20 4.64 -18.34
N PHE A 185 -13.69 5.81 -17.94
CA PHE A 185 -13.84 6.29 -16.58
C PHE A 185 -14.75 7.52 -16.63
N ASN A 186 -16.03 7.31 -16.31
CA ASN A 186 -17.05 8.35 -16.39
C ASN A 186 -17.07 8.99 -17.77
N GLY A 187 -17.22 8.15 -18.80
CA GLY A 187 -17.18 8.56 -20.17
C GLY A 187 -18.56 8.67 -20.81
N ARG A 188 -18.55 8.79 -22.14
CA ARG A 188 -19.78 8.88 -22.91
C ARG A 188 -19.97 7.60 -23.72
N ARG A 189 -21.23 7.27 -23.99
CA ARG A 189 -21.54 6.11 -24.81
C ARG A 189 -21.30 6.48 -26.27
N GLU A 190 -20.20 5.98 -26.83
CA GLU A 190 -19.85 6.32 -28.20
C GLU A 190 -20.81 5.69 -29.20
N PHE A 191 -21.11 4.41 -29.01
CA PHE A 191 -21.95 3.66 -29.95
C PHE A 191 -22.30 2.32 -29.30
N ASP A 192 -23.05 1.50 -30.05
CA ASP A 192 -23.37 0.15 -29.63
C ASP A 192 -23.33 -0.79 -30.83
N ASN A 193 -22.95 -2.03 -30.57
CA ASN A 193 -22.87 -3.05 -31.60
C ASN A 193 -23.77 -4.20 -31.18
N TYR A 194 -24.91 -4.33 -31.88
CA TYR A 194 -25.89 -5.37 -31.58
C TYR A 194 -26.37 -5.27 -30.13
N GLY A 195 -26.54 -4.04 -29.65
CA GLY A 195 -27.09 -3.78 -28.34
C GLY A 195 -26.07 -3.50 -27.24
N ILE A 196 -24.80 -3.87 -27.45
CA ILE A 196 -23.78 -3.75 -26.41
C ILE A 196 -23.13 -2.37 -26.57
N PRO A 197 -23.29 -1.47 -25.62
CA PRO A 197 -22.69 -0.13 -25.75
C PRO A 197 -21.19 -0.16 -25.54
N PHE A 198 -20.52 0.83 -26.15
CA PHE A 198 -19.09 1.01 -26.01
C PHE A 198 -18.82 2.45 -25.58
N TYR A 199 -18.16 2.62 -24.43
CA TYR A 199 -17.92 3.93 -23.85
C TYR A 199 -16.47 4.36 -24.05
N LEU A 200 -16.27 5.68 -24.04
CA LEU A 200 -14.96 6.27 -24.25
C LEU A 200 -14.74 7.38 -23.23
N SER A 201 -13.54 7.44 -22.66
CA SER A 201 -13.15 8.51 -21.74
C SER A 201 -12.09 9.38 -22.40
N LEU A 202 -12.19 10.70 -22.19
CA LEU A 202 -11.30 11.66 -22.83
C LEU A 202 -10.63 12.58 -21.83
N GLN A 203 -10.37 12.09 -20.62
CA GLN A 203 -9.74 12.87 -19.57
C GLN A 203 -8.77 11.98 -18.82
N GLN A 204 -7.66 12.57 -18.36
CA GLN A 204 -6.74 11.83 -17.53
C GLN A 204 -7.43 11.39 -16.24
N ILE A 205 -7.16 10.16 -15.81
CA ILE A 205 -7.78 9.56 -14.64
C ILE A 205 -6.91 9.82 -13.41
N ASP A 206 -7.54 10.28 -12.34
CA ASP A 206 -6.84 10.41 -11.07
C ASP A 206 -6.37 9.05 -10.59
N THR A 207 -5.06 8.94 -10.33
CA THR A 207 -4.49 7.68 -9.86
C THR A 207 -4.98 7.29 -8.47
N GLN A 208 -5.53 8.22 -7.71
CA GLN A 208 -6.04 7.93 -6.37
C GLN A 208 -7.49 7.52 -6.50
N GLN A 209 -7.79 6.25 -6.20
CA GLN A 209 -9.14 5.74 -6.23
C GLN A 209 -9.37 4.86 -5.01
N GLY A 210 -10.63 4.47 -4.82
CA GLY A 210 -11.01 3.70 -3.66
C GLY A 210 -11.36 2.27 -3.97
N ASN A 211 -12.33 1.72 -3.25
CA ASN A 211 -12.81 0.36 -3.45
C ASN A 211 -14.14 0.40 -4.19
N TYR A 212 -14.41 -0.67 -4.94
CA TYR A 212 -15.66 -0.82 -5.70
C TYR A 212 -16.38 -2.07 -5.25
N GLU A 213 -17.66 -1.92 -4.87
CA GLU A 213 -18.46 -3.05 -4.42
C GLU A 213 -18.64 -4.08 -5.54
N PRO A 214 -18.73 -5.36 -5.19
CA PRO A 214 -18.87 -6.40 -6.21
C PRO A 214 -20.21 -6.31 -6.93
N THR A 215 -20.26 -6.93 -8.11
CA THR A 215 -21.50 -7.14 -8.85
C THR A 215 -21.39 -8.45 -9.60
N THR A 216 -22.55 -9.06 -9.88
CA THR A 216 -22.53 -10.27 -10.69
C THR A 216 -22.10 -9.97 -12.11
N GLU A 217 -22.45 -8.80 -12.64
CA GLU A 217 -22.07 -8.44 -14.00
C GLU A 217 -20.57 -8.24 -14.13
N ALA A 218 -19.92 -7.76 -13.07
CA ALA A 218 -18.47 -7.55 -13.11
C ALA A 218 -17.74 -8.87 -13.31
N TYR A 219 -18.25 -9.95 -12.70
CA TYR A 219 -17.67 -11.27 -12.94
C TYR A 219 -17.93 -11.71 -14.37
N ASN A 220 -19.14 -11.49 -14.87
CA ASN A 220 -19.51 -11.98 -16.20
C ASN A 220 -18.68 -11.31 -17.27
N VAL A 221 -18.58 -9.98 -17.23
CA VAL A 221 -17.73 -9.24 -18.17
C VAL A 221 -16.26 -9.37 -17.82
N GLY A 222 -15.93 -9.84 -16.63
CA GLY A 222 -14.55 -10.08 -16.26
C GLY A 222 -13.84 -8.88 -15.68
N ALA A 223 -14.57 -7.86 -15.23
CA ALA A 223 -13.93 -6.71 -14.61
C ALA A 223 -13.34 -7.07 -13.25
N MET A 224 -14.01 -7.94 -12.49
CA MET A 224 -13.47 -8.40 -11.21
C MET A 224 -13.31 -9.91 -11.20
N LEU A 225 -12.12 -10.35 -10.82
CA LEU A 225 -11.83 -11.77 -10.79
C LEU A 225 -12.54 -12.44 -9.61
N ASN A 226 -12.85 -13.70 -9.79
CA ASN A 226 -13.39 -14.52 -8.72
C ASN A 226 -13.01 -15.96 -9.01
N THR A 227 -13.33 -16.82 -8.07
CA THR A 227 -12.85 -18.19 -8.12
C THR A 227 -13.75 -19.04 -9.03
N ALA A 228 -13.11 -19.81 -9.91
CA ALA A 228 -13.79 -20.71 -10.83
C ALA A 228 -14.96 -20.04 -11.55
N THR A 229 -14.86 -18.73 -11.78
CA THR A 229 -15.98 -17.99 -12.34
C THR A 229 -15.74 -17.73 -13.82
N PRO A 230 -16.62 -18.20 -14.70
CA PRO A 230 -16.43 -17.97 -16.13
C PRO A 230 -16.93 -16.59 -16.53
N LEU A 231 -16.45 -16.15 -17.70
CA LEU A 231 -17.11 -15.08 -18.41
C LEU A 231 -18.48 -15.53 -18.89
N LYS A 232 -19.38 -14.56 -19.04
CA LYS A 232 -20.71 -14.80 -19.59
C LYS A 232 -21.08 -13.58 -20.42
N LEU A 233 -21.12 -13.74 -21.74
CA LEU A 233 -21.38 -12.66 -22.68
C LEU A 233 -22.61 -12.98 -23.53
N HIS A 234 -23.20 -11.93 -24.11
CA HIS A 234 -24.35 -12.08 -24.99
C HIS A 234 -23.90 -12.36 -26.41
N LEU A 235 -24.67 -13.18 -27.12
CA LEU A 235 -24.46 -13.41 -28.54
C LEU A 235 -24.88 -12.16 -29.33
N ASN A 236 -24.52 -12.14 -30.61
CA ASN A 236 -24.82 -11.02 -31.48
C ASN A 236 -26.27 -11.13 -31.96
N ALA A 237 -27.15 -10.33 -31.39
CA ALA A 237 -28.57 -10.33 -31.76
C ALA A 237 -29.24 -9.02 -31.39
N PRO B 8 -8.13 -35.44 -15.33
CA PRO B 8 -8.61 -34.35 -14.47
C PRO B 8 -9.94 -33.77 -14.92
N VAL B 9 -10.64 -33.15 -13.96
CA VAL B 9 -11.92 -32.50 -14.19
C VAL B 9 -11.73 -30.99 -14.12
N GLN B 10 -12.14 -30.31 -15.18
CA GLN B 10 -12.24 -28.86 -15.17
C GLN B 10 -13.55 -28.45 -14.50
N ILE B 11 -13.46 -27.50 -13.57
CA ILE B 11 -14.59 -27.06 -12.77
C ILE B 11 -14.75 -25.56 -12.91
N TYR B 12 -15.99 -25.13 -13.07
CA TYR B 12 -16.33 -23.71 -13.04
C TYR B 12 -17.73 -23.53 -12.49
N SER B 13 -18.05 -22.28 -12.14
CA SER B 13 -19.34 -21.91 -11.59
C SER B 13 -19.46 -20.39 -11.51
N PRO B 14 -20.63 -19.83 -11.76
CA PRO B 14 -20.85 -18.42 -11.43
C PRO B 14 -20.73 -18.19 -9.93
N SER B 15 -20.23 -17.03 -9.56
CA SER B 15 -20.12 -16.70 -8.14
C SER B 15 -21.38 -15.94 -7.69
N LEU B 16 -21.64 -16.02 -6.39
CA LEU B 16 -22.71 -15.21 -5.83
C LEU B 16 -22.27 -13.76 -5.71
N PHE B 17 -23.26 -12.88 -5.60
CA PHE B 17 -23.03 -11.45 -5.39
C PHE B 17 -22.20 -11.25 -4.12
N GLY B 18 -20.97 -10.79 -4.28
CA GLY B 18 -20.10 -10.56 -3.14
C GLY B 18 -19.46 -11.79 -2.57
N GLU B 19 -19.61 -12.95 -3.20
CA GLU B 19 -19.00 -14.17 -2.69
C GLU B 19 -17.48 -14.03 -2.69
N PRO B 20 -16.81 -14.28 -1.56
CA PRO B 20 -15.35 -14.18 -1.52
C PRO B 20 -14.66 -15.17 -2.44
N ALA B 21 -13.47 -14.81 -2.87
CA ALA B 21 -12.61 -15.72 -3.61
C ALA B 21 -11.93 -16.71 -2.68
N LEU B 22 -11.53 -17.85 -3.25
CA LEU B 22 -10.80 -18.86 -2.50
C LEU B 22 -9.62 -18.24 -1.75
N TYR B 23 -9.38 -18.74 -0.55
CA TYR B 23 -8.24 -18.27 0.22
C TYR B 23 -7.72 -19.40 1.10
N GLY B 24 -6.65 -19.08 1.81
CA GLY B 24 -5.98 -20.04 2.66
C GLY B 24 -6.11 -19.61 4.11
N SER B 25 -6.26 -20.58 5.00
CA SER B 25 -6.32 -20.30 6.41
C SER B 25 -5.44 -21.29 7.14
N THR B 26 -4.89 -20.83 8.26
CA THR B 26 -4.17 -21.69 9.19
C THR B 26 -4.70 -21.43 10.58
N ALA B 27 -4.70 -22.49 11.41
CA ALA B 27 -5.32 -22.42 12.73
C ALA B 27 -4.58 -23.23 13.79
N THR B 28 -3.33 -23.63 13.53
CA THR B 28 -2.57 -24.49 14.43
C THR B 28 -1.20 -23.88 14.69
N ILE B 29 -0.80 -23.81 15.96
CA ILE B 29 0.52 -23.36 16.36
C ILE B 29 0.93 -24.17 17.58
N GLY B 30 2.09 -24.82 17.51
CA GLY B 30 2.46 -25.75 18.56
C GLY B 30 1.46 -26.88 18.63
N GLN B 31 0.95 -27.15 19.83
CA GLN B 31 -0.06 -28.17 20.05
C GLN B 31 -1.47 -27.62 19.97
N ARG B 32 -1.60 -26.30 19.74
CA ARG B 32 -2.90 -25.67 19.67
C ARG B 32 -3.64 -26.08 18.40
N VAL B 33 -4.93 -26.36 18.53
CA VAL B 33 -5.79 -26.58 17.36
C VAL B 33 -7.03 -25.70 17.54
N PRO B 34 -7.77 -25.46 16.47
CA PRO B 34 -8.99 -24.64 16.60
C PRO B 34 -10.05 -25.33 17.44
N VAL B 35 -10.95 -24.52 18.00
CA VAL B 35 -12.04 -25.07 18.80
C VAL B 35 -13.09 -25.69 17.90
N ALA B 36 -13.36 -25.06 16.78
CA ALA B 36 -14.34 -25.53 15.81
C ALA B 36 -13.85 -25.12 14.43
N ALA B 37 -13.83 -26.06 13.50
CA ALA B 37 -13.34 -25.78 12.14
C ALA B 37 -13.75 -26.93 11.24
N VAL B 38 -13.50 -26.76 9.95
CA VAL B 38 -13.69 -27.84 9.00
C VAL B 38 -12.42 -28.71 8.99
N CYS B 39 -12.61 -30.02 9.09
CA CYS B 39 -11.54 -31.00 9.24
C CYS B 39 -11.49 -31.97 8.08
N MET B 40 -10.27 -32.38 7.73
CA MET B 40 -10.04 -33.43 6.75
C MET B 40 -9.07 -34.41 7.40
N GLN B 41 -9.55 -35.61 7.71
CA GLN B 41 -8.72 -36.67 8.25
C GLN B 41 -8.38 -37.66 7.14
N ALA B 42 -7.18 -38.22 7.20
CA ALA B 42 -6.74 -39.17 6.19
C ALA B 42 -7.53 -40.46 6.30
N VAL B 43 -7.82 -41.08 5.15
CA VAL B 43 -8.43 -42.40 5.17
C VAL B 43 -7.44 -43.37 5.79
N GLY B 44 -7.96 -44.24 6.66
CA GLY B 44 -7.12 -45.21 7.34
C GLY B 44 -6.04 -44.58 8.19
N GLY B 45 -6.22 -43.33 8.60
CA GLY B 45 -5.24 -42.66 9.44
C GLY B 45 -5.89 -41.76 10.47
N ALA B 46 -5.10 -41.36 11.46
CA ALA B 46 -5.55 -40.44 12.49
C ALA B 46 -5.10 -39.01 12.27
N GLN B 47 -4.25 -38.76 11.27
CA GLN B 47 -3.76 -37.41 11.00
C GLN B 47 -4.88 -36.52 10.48
N LYS B 48 -4.77 -35.22 10.78
CA LYS B 48 -5.83 -34.27 10.47
C LYS B 48 -5.23 -32.93 10.10
N VAL B 49 -5.93 -32.21 9.22
CA VAL B 49 -5.67 -30.80 8.97
C VAL B 49 -6.98 -30.04 9.15
N TYR B 50 -6.87 -28.72 9.28
CA TYR B 50 -8.00 -27.88 9.62
C TYR B 50 -8.10 -26.72 8.65
N THR B 51 -9.29 -26.12 8.60
CA THR B 51 -9.52 -25.02 7.69
C THR B 51 -10.77 -24.26 8.13
N TYR B 52 -10.79 -22.97 7.82
CA TYR B 52 -12.00 -22.18 7.90
C TYR B 52 -12.57 -21.89 6.52
N SER B 53 -11.96 -22.39 5.46
CA SER B 53 -12.41 -22.11 4.10
C SER B 53 -13.68 -22.90 3.79
N LEU B 54 -14.73 -22.19 3.38
CA LEU B 54 -16.02 -22.79 3.04
C LEU B 54 -16.68 -21.92 1.96
N ARG B 55 -16.54 -22.33 0.70
CA ARG B 55 -17.00 -21.53 -0.43
C ARG B 55 -18.07 -22.26 -1.22
N GLU B 56 -19.28 -21.74 -1.18
CA GLU B 56 -20.37 -22.25 -2.01
C GLU B 56 -20.00 -22.22 -3.49
N LEU B 57 -20.35 -23.29 -4.21
CA LEU B 57 -20.37 -23.28 -5.66
C LEU B 57 -21.84 -23.21 -6.07
N LEU B 58 -22.28 -22.02 -6.47
CA LEU B 58 -23.70 -21.74 -6.68
C LEU B 58 -24.31 -22.71 -7.70
N ASP B 59 -23.64 -22.90 -8.82
CA ASP B 59 -24.14 -23.83 -9.82
C ASP B 59 -22.98 -24.35 -10.65
N PRO B 60 -22.26 -25.36 -10.17
CA PRO B 60 -21.04 -25.77 -10.86
C PRO B 60 -21.33 -26.54 -12.13
N VAL B 61 -20.29 -26.64 -12.95
CA VAL B 61 -20.30 -27.45 -14.15
C VAL B 61 -18.98 -28.21 -14.18
N PHE B 62 -19.03 -29.49 -14.50
CA PHE B 62 -17.89 -30.38 -14.49
C PHE B 62 -17.57 -30.81 -15.91
N VAL B 63 -16.30 -30.72 -16.30
CA VAL B 63 -15.89 -31.02 -17.66
C VAL B 63 -14.68 -31.93 -17.62
N GLN B 64 -14.73 -33.04 -18.36
CA GLN B 64 -13.60 -33.96 -18.48
C GLN B 64 -13.31 -34.20 -19.95
N ASN B 65 -12.08 -33.91 -20.37
CA ASN B 65 -11.62 -34.15 -21.75
C ASN B 65 -12.53 -33.49 -22.77
N GLY B 66 -13.02 -32.29 -22.45
CA GLY B 66 -13.84 -31.54 -23.36
C GLY B 66 -15.31 -31.87 -23.35
N ASN B 67 -15.76 -32.71 -22.42
CA ASN B 67 -17.15 -33.12 -22.34
C ASN B 67 -17.68 -32.87 -20.94
N ILE B 68 -18.87 -32.28 -20.85
CA ILE B 68 -19.56 -32.10 -19.58
C ILE B 68 -19.97 -33.46 -19.04
N ILE B 69 -19.64 -33.72 -17.76
CA ILE B 69 -19.89 -35.02 -17.16
C ILE B 69 -20.64 -34.83 -15.83
N ASP B 70 -21.10 -35.94 -15.27
CA ASP B 70 -21.72 -35.96 -13.96
C ASP B 70 -20.76 -36.69 -13.00
N ILE B 71 -20.21 -35.93 -12.06
CA ILE B 71 -19.22 -36.50 -11.14
C ILE B 71 -19.84 -37.60 -10.28
N THR B 72 -21.13 -37.51 -10.00
CA THR B 72 -21.82 -38.48 -9.13
C THR B 72 -22.48 -39.61 -9.93
N VAL B 73 -21.74 -40.24 -10.83
CA VAL B 73 -22.26 -41.42 -11.53
C VAL B 73 -21.11 -42.28 -12.06
N PRO B 77 -15.44 -43.65 -5.88
CA PRO B 77 -14.60 -43.81 -4.69
C PRO B 77 -14.35 -42.50 -3.92
N THR B 78 -15.25 -42.12 -3.01
CA THR B 78 -15.17 -40.83 -2.33
C THR B 78 -14.66 -40.99 -0.90
N TYR B 79 -14.18 -39.87 -0.32
CA TYR B 79 -13.77 -39.85 1.07
C TYR B 79 -14.35 -38.63 1.77
N PRO B 80 -14.82 -38.77 2.99
CA PRO B 80 -15.63 -37.72 3.61
C PRO B 80 -14.79 -36.55 4.12
N ILE B 81 -15.49 -35.47 4.44
CA ILE B 81 -14.93 -34.27 5.05
C ILE B 81 -15.73 -33.96 6.29
N TYR B 82 -15.03 -33.64 7.38
CA TYR B 82 -15.64 -33.56 8.69
C TYR B 82 -15.67 -32.12 9.19
N GLN B 83 -16.39 -31.91 10.28
CA GLN B 83 -16.26 -30.72 11.08
C GLN B 83 -15.74 -31.14 12.45
N LYS B 84 -14.86 -30.34 13.01
CA LYS B 84 -14.46 -30.48 14.40
C LYS B 84 -15.23 -29.42 15.17
N ASP B 85 -16.02 -29.85 16.15
CA ASP B 85 -16.83 -28.96 16.97
C ASP B 85 -16.46 -29.28 18.41
N GLY B 86 -15.54 -28.52 18.98
CA GLY B 86 -15.01 -28.87 20.28
C GLY B 86 -14.20 -30.14 20.17
N SER B 87 -14.54 -31.13 20.99
CA SER B 87 -13.93 -32.46 20.90
C SER B 87 -14.75 -33.40 20.04
N ASP B 88 -15.74 -32.90 19.31
CA ASP B 88 -16.68 -33.73 18.58
C ASP B 88 -16.51 -33.54 17.07
N TYR B 89 -15.97 -34.55 16.40
CA TYR B 89 -15.85 -34.55 14.96
C TYR B 89 -17.08 -35.20 14.34
N SER B 90 -17.50 -34.70 13.17
CA SER B 90 -18.69 -35.25 12.55
C SER B 90 -18.63 -35.04 11.04
N PRO B 91 -19.04 -36.03 10.26
CA PRO B 91 -18.99 -35.88 8.81
C PRO B 91 -20.03 -34.88 8.34
N ILE B 92 -19.67 -34.15 7.29
CA ILE B 92 -20.56 -33.14 6.73
C ILE B 92 -20.70 -33.29 5.22
N GLY B 93 -19.82 -34.07 4.60
CA GLY B 93 -19.92 -34.22 3.15
C GLY B 93 -18.90 -35.21 2.65
N ASP B 94 -18.87 -35.37 1.33
CA ASP B 94 -17.96 -36.30 0.68
C ASP B 94 -17.18 -35.60 -0.41
N VAL B 95 -15.89 -35.92 -0.49
CA VAL B 95 -14.98 -35.27 -1.41
C VAL B 95 -14.88 -36.10 -2.68
N TYR B 96 -15.05 -35.44 -3.83
CA TYR B 96 -15.00 -36.11 -5.11
C TYR B 96 -13.72 -35.87 -5.89
N ALA B 97 -13.05 -34.73 -5.65
CA ALA B 97 -11.82 -34.40 -6.35
C ALA B 97 -10.99 -33.46 -5.49
N ALA B 98 -9.68 -33.49 -5.70
CA ALA B 98 -8.77 -32.63 -4.96
C ALA B 98 -7.48 -32.48 -5.75
N HIS B 99 -6.73 -31.42 -5.44
CA HIS B 99 -5.47 -31.16 -6.12
C HIS B 99 -4.58 -30.33 -5.20
N PHE B 100 -3.28 -30.59 -5.26
CA PHE B 100 -2.29 -29.92 -4.44
C PHE B 100 -1.18 -29.36 -5.31
N THR B 101 -0.56 -28.28 -4.84
CA THR B 101 0.65 -27.79 -5.49
C THR B 101 1.43 -26.90 -4.55
N THR B 102 2.75 -26.88 -4.76
CA THR B 102 3.64 -26.05 -3.98
C THR B 102 3.84 -24.73 -4.71
N ILE B 103 3.63 -23.63 -4.00
CA ILE B 103 3.73 -22.29 -4.54
C ILE B 103 4.90 -21.60 -3.85
N GLY B 104 5.86 -21.14 -4.65
CA GLY B 104 7.03 -20.45 -4.13
C GLY B 104 8.26 -21.32 -4.17
N SER B 105 9.37 -20.73 -3.72
CA SER B 105 10.66 -21.39 -3.73
C SER B 105 11.26 -21.47 -2.33
N SER B 106 11.97 -20.40 -1.91
CA SER B 106 12.60 -20.41 -0.59
C SER B 106 11.58 -20.28 0.54
N ARG B 107 10.39 -19.78 0.26
CA ARG B 107 9.31 -19.69 1.24
C ARG B 107 8.04 -20.29 0.65
N PRO B 108 8.00 -21.61 0.50
CA PRO B 108 6.90 -22.25 -0.21
C PRO B 108 5.59 -22.23 0.57
N VAL B 109 4.50 -22.12 -0.18
CA VAL B 109 3.14 -22.22 0.36
C VAL B 109 2.49 -23.44 -0.27
N GLN B 110 2.12 -24.41 0.56
CA GLN B 110 1.49 -25.63 0.07
C GLN B 110 -0.03 -25.44 0.09
N TRP B 111 -0.66 -25.58 -1.07
CA TRP B 111 -2.08 -25.31 -1.27
C TRP B 111 -2.78 -26.59 -1.71
N THR B 112 -3.80 -27.00 -0.96
CA THR B 112 -4.60 -28.18 -1.30
C THR B 112 -6.07 -27.77 -1.37
N THR B 113 -6.67 -27.85 -2.55
CA THR B 113 -8.09 -27.60 -2.72
C THR B 113 -8.83 -28.91 -2.89
N VAL B 114 -10.01 -29.02 -2.27
CA VAL B 114 -10.84 -30.20 -2.35
C VAL B 114 -12.25 -29.80 -2.75
N LEU B 115 -12.83 -30.55 -3.66
CA LEU B 115 -14.20 -30.38 -4.07
C LEU B 115 -15.05 -31.42 -3.34
N TRP B 116 -16.12 -30.98 -2.68
CA TRP B 116 -16.93 -31.88 -1.89
C TRP B 116 -18.38 -31.46 -1.93
N ARG B 117 -19.27 -32.43 -1.73
CA ARG B 117 -20.70 -32.19 -1.70
C ARG B 117 -21.23 -32.49 -0.30
N ALA B 118 -21.89 -31.50 0.30
CA ALA B 118 -22.47 -31.65 1.62
C ALA B 118 -23.54 -32.74 1.61
N ASN B 119 -23.58 -33.55 2.68
CA ASN B 119 -24.64 -34.54 2.82
C ASN B 119 -25.54 -34.25 4.01
N ILE B 120 -25.49 -33.04 4.55
CA ILE B 120 -26.34 -32.64 5.67
C ILE B 120 -26.51 -31.13 5.63
N SER B 121 -27.72 -30.68 5.93
CA SER B 121 -28.02 -29.25 5.99
C SER B 121 -27.93 -28.82 7.45
N LYS B 122 -26.82 -28.18 7.82
CA LYS B 122 -26.52 -27.91 9.21
C LYS B 122 -25.75 -26.59 9.31
N GLN B 123 -25.74 -26.03 10.51
CA GLN B 123 -24.91 -24.86 10.84
C GLN B 123 -23.55 -25.35 11.32
N ILE B 124 -22.50 -24.94 10.61
CA ILE B 124 -21.13 -25.36 10.92
C ILE B 124 -20.49 -24.24 11.74
N ARG B 125 -20.18 -24.54 13.01
CA ARG B 125 -19.53 -23.57 13.88
C ARG B 125 -18.06 -23.47 13.53
N LEU B 126 -17.57 -22.24 13.42
CA LEU B 126 -16.15 -21.96 13.33
C LEU B 126 -15.74 -21.11 14.52
N ARG B 127 -14.62 -21.48 15.15
CA ARG B 127 -14.11 -20.76 16.30
C ARG B 127 -12.67 -21.19 16.54
N GLY B 128 -11.76 -20.21 16.60
CA GLY B 128 -10.37 -20.53 16.84
C GLY B 128 -10.09 -20.77 18.31
N HIS B 129 -8.93 -21.34 18.56
CA HIS B 129 -8.41 -21.46 19.91
C HIS B 129 -8.45 -20.09 20.60
N ALA B 130 -8.56 -20.11 21.94
CA ALA B 130 -8.71 -18.85 22.68
C ALA B 130 -7.48 -17.98 22.53
N THR B 131 -6.30 -18.57 22.58
CA THR B 131 -5.08 -17.86 22.25
C THR B 131 -5.04 -17.62 20.74
N PRO B 132 -4.74 -16.39 20.29
CA PRO B 132 -4.70 -16.14 18.84
C PRO B 132 -3.80 -17.10 18.09
N THR B 133 -4.38 -17.79 17.11
CA THR B 133 -3.69 -18.83 16.34
C THR B 133 -4.06 -18.77 14.87
N ASP B 134 -5.12 -18.05 14.52
CA ASP B 134 -5.71 -18.06 13.20
C ASP B 134 -5.11 -16.99 12.30
N GLN B 135 -4.61 -17.42 11.14
CA GLN B 135 -4.17 -16.52 10.11
C GLN B 135 -4.77 -16.96 8.78
N PHE B 136 -4.76 -16.03 7.83
CA PHE B 136 -5.38 -16.22 6.53
C PHE B 136 -4.39 -15.81 5.47
N LEU B 137 -4.43 -16.51 4.33
CA LEU B 137 -3.48 -16.32 3.26
C LEU B 137 -4.22 -16.10 1.95
N PHE B 138 -3.75 -15.15 1.16
CA PHE B 138 -4.35 -14.85 -0.13
C PHE B 138 -3.27 -14.32 -1.07
N PHE B 139 -3.29 -14.80 -2.32
CA PHE B 139 -2.40 -14.28 -3.35
C PHE B 139 -3.17 -13.23 -4.13
N ASN B 140 -2.95 -11.96 -3.77
CA ASN B 140 -3.75 -10.89 -4.34
C ASN B 140 -3.21 -10.49 -5.71
N PRO B 141 -3.97 -10.69 -6.79
CA PRO B 141 -3.50 -10.26 -8.11
C PRO B 141 -3.25 -8.77 -8.14
N GLN B 142 -2.06 -8.40 -8.62
CA GLN B 142 -1.68 -7.00 -8.73
C GLN B 142 -1.41 -6.62 -10.18
N LEU B 143 -1.70 -5.37 -10.51
CA LEU B 143 -1.34 -4.81 -11.81
C LEU B 143 0.09 -4.32 -11.73
N SER B 144 0.96 -4.92 -12.52
CA SER B 144 2.39 -4.62 -12.52
C SER B 144 2.75 -3.84 -13.77
N MET B 145 3.49 -2.74 -13.58
CA MET B 145 4.01 -1.93 -14.68
C MET B 145 5.50 -1.68 -14.52
N SER B 146 6.26 -2.02 -15.55
CA SER B 146 7.69 -1.77 -15.62
C SER B 146 7.91 -0.80 -16.79
N GLY B 147 8.19 0.45 -16.47
CA GLY B 147 8.37 1.47 -17.48
C GLY B 147 7.06 1.92 -18.12
N SER B 148 7.08 2.18 -19.42
CA SER B 148 5.88 2.55 -20.14
C SER B 148 5.47 1.45 -21.11
N ASN B 149 5.31 0.23 -20.60
CA ASN B 149 4.91 -0.92 -21.41
C ASN B 149 3.54 -1.43 -20.97
N LEU B 150 3.07 -2.46 -21.66
CA LEU B 150 1.83 -3.10 -21.26
C LEU B 150 1.99 -3.70 -19.86
N PRO B 151 1.01 -3.51 -18.98
CA PRO B 151 1.09 -4.12 -17.65
C PRO B 151 0.92 -5.62 -17.72
N THR B 152 1.39 -6.28 -16.65
CA THR B 152 1.19 -7.70 -16.38
C THR B 152 0.51 -7.85 -15.01
N THR B 153 0.17 -9.10 -14.67
CA THR B 153 -0.45 -9.42 -13.38
C THR B 153 0.57 -10.14 -12.50
N THR B 154 0.97 -9.52 -11.40
CA THR B 154 1.77 -10.16 -10.36
C THR B 154 0.88 -10.54 -9.18
N TYR B 155 1.39 -11.43 -8.34
CA TYR B 155 0.65 -11.91 -7.17
C TYR B 155 1.51 -11.73 -5.93
N GLY B 156 0.95 -11.05 -4.94
CA GLY B 156 1.62 -10.91 -3.67
C GLY B 156 0.96 -11.80 -2.64
N LEU B 157 1.70 -12.18 -1.60
CA LEU B 157 1.17 -13.07 -0.58
C LEU B 157 0.71 -12.20 0.59
N THR B 158 -0.61 -12.11 0.78
CA THR B 158 -1.19 -11.36 1.88
C THR B 158 -1.44 -12.30 3.06
N VAL B 159 -0.77 -12.04 4.17
CA VAL B 159 -0.92 -12.84 5.39
C VAL B 159 -1.51 -11.95 6.46
N SER B 160 -2.70 -12.32 6.93
CA SER B 160 -3.34 -11.58 8.00
C SER B 160 -2.59 -11.78 9.32
N SER B 161 -2.73 -10.80 10.21
CA SER B 161 -2.12 -10.91 11.53
C SER B 161 -2.85 -11.98 12.35
N LEU B 162 -2.20 -12.40 13.42
CA LEU B 162 -2.77 -13.44 14.28
C LEU B 162 -4.04 -12.92 14.94
N VAL B 163 -5.10 -13.72 14.89
CA VAL B 163 -6.35 -13.42 15.57
C VAL B 163 -6.87 -14.70 16.20
N SER B 164 -7.82 -14.53 17.10
CA SER B 164 -8.61 -15.63 17.65
C SER B 164 -10.01 -15.52 17.07
N LEU B 165 -10.24 -16.29 16.00
CA LEU B 165 -11.48 -16.22 15.24
C LEU B 165 -12.70 -16.28 16.14
N THR B 166 -13.49 -15.21 16.12
CA THR B 166 -14.72 -15.15 16.88
C THR B 166 -15.69 -16.24 16.43
N GLU B 167 -16.42 -16.79 17.40
CA GLU B 167 -17.42 -17.81 17.11
C GLU B 167 -18.41 -17.34 16.05
N ARG B 168 -18.79 -18.25 15.16
CA ARG B 168 -19.70 -17.91 14.08
C ARG B 168 -20.32 -19.18 13.53
N GLN B 169 -21.45 -19.01 12.84
CA GLN B 169 -22.18 -20.10 12.23
C GLN B 169 -22.13 -19.94 10.72
N GLU B 170 -21.80 -21.02 10.02
CA GLU B 170 -21.82 -21.05 8.56
C GLU B 170 -22.79 -22.12 8.10
N GLU B 171 -23.65 -21.76 7.15
CA GLU B 171 -24.71 -22.65 6.69
C GLU B 171 -24.22 -23.50 5.53
N ILE B 172 -24.44 -24.80 5.63
CA ILE B 172 -24.24 -25.71 4.50
C ILE B 172 -25.55 -26.45 4.25
N ASN B 173 -25.75 -26.86 3.00
CA ASN B 173 -26.98 -27.52 2.59
C ASN B 173 -26.64 -28.81 1.84
N ALA B 174 -27.33 -29.89 2.23
CA ALA B 174 -27.18 -31.18 1.55
C ALA B 174 -27.43 -31.03 0.06
N GLY B 175 -26.53 -31.58 -0.75
CA GLY B 175 -26.62 -31.54 -2.19
C GLY B 175 -25.78 -30.45 -2.83
N LYS B 176 -25.45 -29.41 -2.08
CA LYS B 176 -24.65 -28.32 -2.63
C LYS B 176 -23.18 -28.71 -2.67
N TRP B 177 -22.46 -28.12 -3.62
CA TRP B 177 -21.04 -28.35 -3.77
C TRP B 177 -20.27 -27.20 -3.12
N TYR B 178 -19.09 -27.53 -2.59
CA TYR B 178 -18.32 -26.59 -1.78
C TYR B 178 -16.83 -26.78 -2.06
N LEU B 179 -16.11 -25.68 -2.10
CA LEU B 179 -14.64 -25.69 -2.12
C LEU B 179 -14.11 -25.48 -0.71
N SER B 180 -12.98 -26.13 -0.42
CA SER B 180 -12.34 -26.04 0.90
C SER B 180 -10.85 -26.24 0.72
N THR B 181 -10.08 -25.20 0.99
CA THR B 181 -8.63 -25.29 0.90
C THR B 181 -8.03 -25.74 2.22
N PHE B 182 -6.87 -26.40 2.13
CA PHE B 182 -6.08 -26.83 3.27
C PHE B 182 -4.64 -26.44 2.97
N VAL B 183 -4.22 -25.29 3.48
CA VAL B 183 -2.95 -24.70 3.12
C VAL B 183 -2.00 -24.70 4.31
N ALA B 184 -0.74 -24.38 4.03
CA ALA B 184 0.30 -24.39 5.04
C ALA B 184 1.44 -23.52 4.54
N PHE B 185 2.06 -22.78 5.46
CA PHE B 185 3.21 -21.94 5.15
C PHE B 185 4.46 -22.67 5.63
N ASN B 186 5.22 -23.22 4.69
CA ASN B 186 6.44 -23.97 4.98
C ASN B 186 6.13 -25.08 5.98
N GLY B 187 5.14 -25.89 5.64
CA GLY B 187 4.59 -26.87 6.55
C GLY B 187 5.23 -28.24 6.38
N ARG B 188 4.51 -29.25 6.85
CA ARG B 188 4.94 -30.63 6.76
C ARG B 188 3.87 -31.47 6.09
N ARG B 189 4.31 -32.52 5.40
CA ARG B 189 3.42 -33.51 4.80
C ARG B 189 2.73 -34.32 5.89
N GLU B 190 1.52 -33.90 6.27
CA GLU B 190 0.79 -34.62 7.32
C GLU B 190 0.28 -35.97 6.83
N PHE B 191 -0.35 -35.99 5.67
CA PHE B 191 -0.89 -37.22 5.08
C PHE B 191 -1.22 -36.96 3.62
N ASP B 192 -1.78 -37.98 2.97
CA ASP B 192 -2.29 -37.84 1.62
C ASP B 192 -3.54 -38.69 1.47
N ASN B 193 -4.42 -38.27 0.58
CA ASN B 193 -5.67 -38.97 0.31
C ASN B 193 -5.76 -39.22 -1.19
N TYR B 194 -5.64 -40.49 -1.58
CA TYR B 194 -5.64 -40.90 -2.98
C TYR B 194 -4.59 -40.11 -3.76
N GLY B 195 -3.39 -40.07 -3.20
CA GLY B 195 -2.26 -39.43 -3.84
C GLY B 195 -2.19 -37.93 -3.72
N ILE B 196 -3.23 -37.29 -3.16
CA ILE B 196 -3.26 -35.84 -3.00
C ILE B 196 -2.71 -35.50 -1.61
N PRO B 197 -1.56 -34.86 -1.50
CA PRO B 197 -1.00 -34.58 -0.19
C PRO B 197 -1.78 -33.49 0.54
N PHE B 198 -1.63 -33.49 1.87
CA PHE B 198 -2.23 -32.47 2.72
C PHE B 198 -1.15 -31.98 3.68
N TYR B 199 -0.91 -30.66 3.67
CA TYR B 199 0.18 -30.06 4.44
C TYR B 199 -0.36 -29.31 5.65
N LEU B 200 0.52 -29.12 6.63
CA LEU B 200 0.17 -28.47 7.87
C LEU B 200 1.37 -27.69 8.37
N SER B 201 1.15 -26.45 8.81
CA SER B 201 2.19 -25.64 9.41
C SER B 201 1.79 -25.27 10.83
N LEU B 202 2.78 -25.17 11.71
CA LEU B 202 2.51 -24.99 13.13
C LEU B 202 3.21 -23.77 13.72
N GLN B 203 3.63 -22.81 12.90
CA GLN B 203 4.28 -21.61 13.41
C GLN B 203 3.59 -20.37 12.85
N GLN B 204 3.65 -19.29 13.63
CA GLN B 204 3.07 -18.04 13.17
C GLN B 204 3.75 -17.57 11.89
N ILE B 205 2.97 -17.01 10.97
CA ILE B 205 3.45 -16.62 9.66
C ILE B 205 3.82 -15.13 9.69
N ASP B 206 5.01 -14.80 9.19
CA ASP B 206 5.39 -13.41 9.07
C ASP B 206 4.46 -12.70 8.09
N THR B 207 3.72 -11.72 8.59
CA THR B 207 2.77 -11.02 7.74
C THR B 207 3.43 -10.10 6.70
N GLN B 208 4.76 -10.10 6.58
CA GLN B 208 5.47 -9.36 5.55
C GLN B 208 6.00 -10.35 4.53
N GLN B 209 5.37 -10.41 3.36
CA GLN B 209 5.70 -11.37 2.33
C GLN B 209 5.85 -10.66 0.99
N GLY B 210 6.69 -11.23 0.13
CA GLY B 210 6.93 -10.69 -1.19
C GLY B 210 6.01 -11.30 -2.24
N ASN B 211 6.32 -10.99 -3.51
CA ASN B 211 5.53 -11.47 -4.63
C ASN B 211 5.91 -12.90 -4.98
N TYR B 212 4.95 -13.64 -5.53
CA TYR B 212 5.13 -15.05 -5.89
C TYR B 212 4.94 -15.23 -7.38
N GLU B 213 5.94 -15.86 -8.03
CA GLU B 213 5.85 -16.15 -9.45
C GLU B 213 4.67 -17.07 -9.72
N PRO B 214 3.94 -16.88 -10.81
CA PRO B 214 2.76 -17.72 -11.08
C PRO B 214 3.15 -19.08 -11.63
N THR B 215 2.32 -20.07 -11.28
CA THR B 215 2.43 -21.43 -11.79
C THR B 215 1.10 -21.84 -12.39
N THR B 216 1.16 -22.73 -13.38
CA THR B 216 -0.06 -23.23 -13.99
C THR B 216 -0.82 -24.15 -13.06
N GLU B 217 -0.16 -24.73 -12.07
CA GLU B 217 -0.85 -25.55 -11.09
C GLU B 217 -1.58 -24.68 -10.05
N ALA B 218 -1.02 -23.51 -9.74
CA ALA B 218 -1.70 -22.59 -8.84
C ALA B 218 -3.01 -22.10 -9.43
N TYR B 219 -3.07 -21.96 -10.76
CA TYR B 219 -4.35 -21.70 -11.42
C TYR B 219 -5.29 -22.88 -11.24
N ASN B 220 -4.78 -24.11 -11.41
CA ASN B 220 -5.62 -25.30 -11.34
C ASN B 220 -6.23 -25.48 -9.95
N VAL B 221 -5.44 -25.23 -8.90
CA VAL B 221 -5.95 -25.40 -7.54
C VAL B 221 -6.71 -24.19 -7.05
N GLY B 222 -6.74 -23.10 -7.82
CA GLY B 222 -7.44 -21.90 -7.41
C GLY B 222 -6.66 -21.00 -6.48
N ALA B 223 -5.34 -21.19 -6.36
CA ALA B 223 -4.59 -20.37 -5.42
C ALA B 223 -4.35 -18.96 -5.97
N MET B 224 -4.14 -18.84 -7.28
CA MET B 224 -4.04 -17.53 -7.93
C MET B 224 -5.17 -17.36 -8.92
N LEU B 225 -5.88 -16.23 -8.79
CA LEU B 225 -6.99 -15.93 -9.68
C LEU B 225 -6.47 -15.58 -11.08
N ASN B 226 -7.25 -15.96 -12.09
CA ASN B 226 -6.99 -15.48 -13.44
C ASN B 226 -8.30 -15.40 -14.18
N THR B 227 -8.24 -14.85 -15.39
CA THR B 227 -9.44 -14.54 -16.15
C THR B 227 -10.02 -15.81 -16.78
N ALA B 228 -11.32 -16.03 -16.55
CA ALA B 228 -12.05 -17.15 -17.15
C ALA B 228 -11.35 -18.48 -16.91
N THR B 229 -10.59 -18.58 -15.82
CA THR B 229 -9.80 -19.77 -15.58
C THR B 229 -10.56 -20.73 -14.69
N PRO B 230 -10.87 -21.94 -15.15
CA PRO B 230 -11.61 -22.89 -14.32
C PRO B 230 -10.67 -23.58 -13.33
N LEU B 231 -11.29 -24.20 -12.34
CA LEU B 231 -10.55 -25.10 -11.48
C LEU B 231 -10.21 -26.37 -12.24
N LYS B 232 -9.25 -27.13 -11.71
CA LYS B 232 -8.84 -28.38 -12.33
C LYS B 232 -8.21 -29.25 -11.25
N LEU B 233 -8.93 -30.31 -10.84
CA LEU B 233 -8.47 -31.19 -9.78
C LEU B 233 -8.50 -32.64 -10.27
N HIS B 234 -7.84 -33.50 -9.50
CA HIS B 234 -7.79 -34.92 -9.83
C HIS B 234 -8.96 -35.64 -9.19
N LEU B 235 -9.60 -36.52 -9.97
CA LEU B 235 -10.61 -37.41 -9.43
C LEU B 235 -9.98 -38.44 -8.51
N ASN B 236 -10.78 -38.95 -7.58
CA ASN B 236 -10.29 -39.93 -6.61
C ASN B 236 -10.01 -41.23 -7.34
N ALA B 237 -8.73 -41.51 -7.60
CA ALA B 237 -8.33 -42.70 -8.33
C ALA B 237 -6.86 -43.00 -8.08
N PRO C 8 7.29 25.07 29.46
CA PRO C 8 7.22 24.50 28.11
C PRO C 8 8.54 24.68 27.38
N VAL C 9 9.26 23.57 27.21
CA VAL C 9 10.59 23.56 26.62
C VAL C 9 10.51 22.94 25.23
N GLN C 10 11.13 23.60 24.25
CA GLN C 10 11.29 23.03 22.93
C GLN C 10 12.55 22.16 22.91
N ILE C 11 12.45 20.99 22.31
CA ILE C 11 13.55 20.01 22.30
C ILE C 11 13.84 19.64 20.85
N TYR C 12 15.10 19.71 20.47
CA TYR C 12 15.54 19.18 19.19
C TYR C 12 16.94 18.59 19.35
N SER C 13 17.33 17.83 18.34
CA SER C 13 18.61 17.13 18.34
C SER C 13 18.87 16.55 16.96
N PRO C 14 20.12 16.43 16.55
CA PRO C 14 20.44 15.70 15.32
C PRO C 14 20.24 14.21 15.50
N SER C 15 19.84 13.54 14.43
CA SER C 15 19.66 12.10 14.49
C SER C 15 20.92 11.38 14.06
N LEU C 16 21.14 10.20 14.63
CA LEU C 16 22.29 9.37 14.21
C LEU C 16 21.95 8.78 12.84
N PHE C 17 22.99 8.34 12.11
CA PHE C 17 22.75 7.72 10.79
C PHE C 17 21.82 6.51 10.95
N GLY C 18 20.62 6.60 10.38
CA GLY C 18 19.68 5.46 10.40
C GLY C 18 18.82 5.41 11.65
N GLU C 19 18.86 6.44 12.51
CA GLU C 19 18.11 6.33 13.75
C GLU C 19 16.61 6.25 13.46
N PRO C 20 15.88 5.33 14.11
CA PRO C 20 14.43 5.27 13.91
C PRO C 20 13.73 6.49 14.48
N ALA C 21 12.61 6.84 13.85
CA ALA C 21 11.77 7.89 14.38
C ALA C 21 10.92 7.37 15.53
N LEU C 22 10.42 8.30 16.34
CA LEU C 22 9.61 7.95 17.50
C LEU C 22 8.43 7.08 17.10
N TYR C 23 8.15 6.04 17.89
CA TYR C 23 7.00 5.18 17.64
C TYR C 23 6.37 4.76 18.95
N GLY C 24 5.21 4.10 18.82
CA GLY C 24 4.46 3.62 19.96
C GLY C 24 4.53 2.11 20.06
N SER C 25 4.47 1.60 21.28
CA SER C 25 4.41 0.17 21.50
C SER C 25 3.38 -0.15 22.57
N THR C 26 2.84 -1.37 22.50
CA THR C 26 1.97 -1.92 23.53
C THR C 26 2.39 -3.35 23.81
N ALA C 27 2.36 -3.74 25.08
CA ALA C 27 2.83 -5.06 25.47
C ALA C 27 1.86 -5.77 26.41
N THR C 28 0.65 -5.25 26.61
CA THR C 28 -0.27 -5.77 27.61
C THR C 28 -1.61 -6.13 26.97
N ILE C 29 -2.07 -7.34 27.22
CA ILE C 29 -3.41 -7.78 26.84
C ILE C 29 -3.96 -8.60 28.00
N GLY C 30 -5.10 -8.17 28.54
CA GLY C 30 -5.65 -8.84 29.71
C GLY C 30 -4.77 -8.57 30.92
N GLN C 31 -4.43 -9.63 31.64
CA GLN C 31 -3.53 -9.54 32.79
C GLN C 31 -2.08 -9.74 32.40
N ARG C 32 -1.78 -9.88 31.12
CA ARG C 32 -0.42 -10.13 30.67
C ARG C 32 0.38 -8.84 30.66
N VAL C 33 1.62 -8.91 31.12
CA VAL C 33 2.60 -7.84 31.02
C VAL C 33 3.82 -8.42 30.32
N PRO C 34 4.68 -7.58 29.75
CA PRO C 34 5.92 -8.11 29.16
C PRO C 34 6.80 -8.76 30.21
N VAL C 35 7.77 -9.55 29.73
CA VAL C 35 8.79 -10.09 30.60
C VAL C 35 9.84 -9.03 30.95
N ALA C 36 10.29 -8.27 29.96
CA ALA C 36 11.29 -7.23 30.15
C ALA C 36 10.93 -6.01 29.32
N ALA C 37 10.85 -4.86 29.97
CA ALA C 37 10.45 -3.65 29.26
C ALA C 37 10.79 -2.44 30.11
N VAL C 38 10.85 -1.28 29.44
CA VAL C 38 10.96 -0.01 30.16
C VAL C 38 9.61 0.27 30.82
N CYS C 39 9.65 0.72 32.08
CA CYS C 39 8.42 0.91 32.83
C CYS C 39 8.36 2.31 33.41
N MET C 40 7.14 2.78 33.63
CA MET C 40 6.89 4.05 34.30
C MET C 40 5.83 3.82 35.36
N GLN C 41 6.18 4.11 36.62
CA GLN C 41 5.27 3.94 37.74
C GLN C 41 4.77 5.29 38.22
N ALA C 42 3.58 5.28 38.83
CA ALA C 42 2.99 6.51 39.33
C ALA C 42 3.73 6.99 40.57
N VAL C 43 4.03 8.29 40.61
CA VAL C 43 4.61 8.87 41.82
C VAL C 43 3.60 8.68 42.94
N GLY C 44 4.04 8.03 44.02
CA GLY C 44 3.13 7.68 45.09
C GLY C 44 2.01 6.76 44.66
N GLY C 45 2.32 5.78 43.81
CA GLY C 45 1.30 4.84 43.36
C GLY C 45 1.91 3.52 42.95
N ALA C 46 1.05 2.52 42.79
CA ALA C 46 1.44 1.21 42.32
C ALA C 46 1.02 0.94 40.88
N GLN C 47 0.50 1.94 40.18
CA GLN C 47 0.10 1.76 38.79
C GLN C 47 1.32 1.91 37.88
N LYS C 48 1.32 1.17 36.77
CA LYS C 48 2.48 1.07 35.91
C LYS C 48 2.06 1.02 34.45
N VAL C 49 2.90 1.59 33.58
CA VAL C 49 2.75 1.46 32.14
C VAL C 49 4.07 0.95 31.58
N TYR C 50 4.02 0.39 30.37
CA TYR C 50 5.15 -0.28 29.78
C TYR C 50 5.40 0.23 28.36
N THR C 51 6.63 0.06 27.90
CA THR C 51 7.00 0.42 26.54
C THR C 51 8.26 -0.31 26.15
N TYR C 52 8.48 -0.36 24.84
CA TYR C 52 9.76 -0.74 24.25
C TYR C 52 10.42 0.46 23.59
N SER C 53 9.79 1.63 23.66
CA SER C 53 10.33 2.82 23.00
C SER C 53 11.45 3.40 23.84
N LEU C 54 12.64 3.49 23.25
CA LEU C 54 13.73 4.24 23.83
C LEU C 54 14.60 4.74 22.68
N ARG C 55 14.71 6.06 22.52
CA ARG C 55 15.44 6.65 21.42
C ARG C 55 16.39 7.70 21.96
N GLU C 56 17.68 7.50 21.71
CA GLU C 56 18.70 8.43 22.15
C GLU C 56 18.58 9.75 21.41
N LEU C 57 18.67 10.85 22.16
CA LEU C 57 18.80 12.19 21.60
C LEU C 57 20.28 12.53 21.67
N LEU C 58 21.01 12.29 20.58
CA LEU C 58 22.41 12.64 20.54
C LEU C 58 22.52 14.16 20.44
N ASP C 59 23.14 14.77 21.44
CA ASP C 59 23.34 16.21 21.52
C ASP C 59 22.03 16.99 21.37
N PRO C 60 21.14 16.95 22.37
CA PRO C 60 19.92 17.73 22.29
C PRO C 60 20.13 19.18 22.67
N VAL C 61 19.11 19.98 22.42
CA VAL C 61 19.07 21.39 22.78
C VAL C 61 17.70 21.70 23.34
N PHE C 62 17.66 22.47 24.43
CA PHE C 62 16.44 22.82 25.14
C PHE C 62 16.23 24.32 25.08
N VAL C 63 15.04 24.75 24.67
CA VAL C 63 14.72 26.16 24.48
C VAL C 63 13.40 26.47 25.18
N GLN C 64 13.38 27.55 25.98
CA GLN C 64 12.17 28.05 26.60
C GLN C 64 12.02 29.53 26.30
N ASN C 65 10.93 29.89 25.63
CA ASN C 65 10.63 31.27 25.26
C ASN C 65 11.79 31.92 24.52
N GLY C 66 12.46 31.13 23.69
CA GLY C 66 13.53 31.65 22.86
C GLY C 66 14.87 31.73 23.53
N ASN C 67 15.11 30.92 24.57
CA ASN C 67 16.38 30.93 25.28
C ASN C 67 16.84 29.50 25.55
N ILE C 68 18.02 29.18 25.04
CA ILE C 68 18.67 27.90 25.31
C ILE C 68 18.91 27.79 26.82
N ILE C 69 18.22 26.86 27.49
CA ILE C 69 18.34 26.72 28.93
C ILE C 69 18.99 25.36 29.24
N ASP C 70 19.56 25.30 30.45
CA ASP C 70 20.08 24.05 31.02
C ASP C 70 19.02 23.47 31.94
N ILE C 71 18.34 22.43 31.48
CA ILE C 71 17.18 21.92 32.19
C ILE C 71 17.58 21.26 33.51
N THR C 72 18.84 20.85 33.63
CA THR C 72 19.37 20.26 34.86
C THR C 72 19.73 21.30 35.92
N VAL C 73 19.29 22.55 35.77
CA VAL C 73 19.69 23.61 36.67
C VAL C 73 18.47 24.39 37.17
N PRO C 77 13.41 18.66 40.21
CA PRO C 77 12.08 18.09 40.42
C PRO C 77 11.75 17.02 39.39
N THR C 78 12.19 15.78 39.63
CA THR C 78 12.14 14.73 38.63
C THR C 78 11.50 13.48 39.23
N TYR C 79 10.99 12.62 38.35
CA TYR C 79 10.50 11.32 38.80
C TYR C 79 11.19 10.20 38.02
N PRO C 80 11.49 9.08 38.65
CA PRO C 80 12.34 8.08 38.00
C PRO C 80 11.60 7.32 36.90
N ILE C 81 12.38 6.86 35.92
CA ILE C 81 11.91 5.90 34.93
C ILE C 81 12.59 4.58 35.23
N TYR C 82 11.82 3.50 35.10
CA TYR C 82 12.24 2.19 35.56
C TYR C 82 12.36 1.21 34.39
N GLN C 83 13.12 0.15 34.64
CA GLN C 83 13.11 -1.02 33.80
C GLN C 83 12.42 -2.16 34.53
N LYS C 84 11.69 -2.99 33.77
CA LYS C 84 11.18 -4.26 34.25
C LYS C 84 12.03 -5.36 33.63
N ASP C 85 12.58 -6.23 34.48
CA ASP C 85 13.39 -7.37 34.02
C ASP C 85 12.92 -8.60 34.80
N GLY C 86 12.01 -9.36 34.18
CA GLY C 86 11.35 -10.43 34.90
C GLY C 86 10.41 -9.86 35.94
N SER C 87 10.46 -10.42 37.14
CA SER C 87 9.69 -9.88 38.24
C SER C 87 10.36 -8.66 38.88
N ASP C 88 11.57 -8.30 38.45
CA ASP C 88 12.36 -7.26 39.09
C ASP C 88 12.19 -5.92 38.38
N TYR C 89 11.93 -4.88 39.17
CA TYR C 89 11.84 -3.51 38.68
C TYR C 89 13.02 -2.73 39.24
N SER C 90 13.74 -2.00 38.39
CA SER C 90 14.89 -1.23 38.85
C SER C 90 14.94 0.11 38.13
N PRO C 91 15.41 1.16 38.80
CA PRO C 91 15.46 2.49 38.17
C PRO C 91 16.60 2.60 37.17
N ILE C 92 16.33 3.27 36.05
CA ILE C 92 17.32 3.48 35.01
C ILE C 92 17.58 4.96 34.72
N GLY C 93 16.70 5.86 35.13
CA GLY C 93 16.95 7.28 34.93
C GLY C 93 15.88 8.12 35.60
N ASP C 94 15.93 9.42 35.33
CA ASP C 94 14.95 10.35 35.88
C ASP C 94 14.32 11.18 34.76
N VAL C 95 13.02 11.47 34.91
CA VAL C 95 12.25 12.15 33.88
C VAL C 95 12.22 13.64 34.20
N TYR C 96 12.55 14.47 33.21
CA TYR C 96 12.61 15.91 33.37
C TYR C 96 11.41 16.65 32.79
N ALA C 97 10.79 16.13 31.73
CA ALA C 97 9.69 16.80 31.06
C ALA C 97 8.88 15.79 30.27
N ALA C 98 7.57 16.01 30.21
CA ALA C 98 6.68 15.12 29.47
C ALA C 98 5.50 15.92 28.93
N HIS C 99 4.73 15.28 28.04
CA HIS C 99 3.49 15.88 27.56
C HIS C 99 2.59 14.78 27.00
N PHE C 100 1.29 15.02 27.05
CA PHE C 100 0.28 14.07 26.63
C PHE C 100 -0.62 14.68 25.58
N THR C 101 -1.16 13.83 24.69
CA THR C 101 -2.17 14.28 23.76
C THR C 101 -2.91 13.06 23.19
N THR C 102 -4.19 13.24 22.92
CA THR C 102 -5.01 12.22 22.28
C THR C 102 -5.00 12.45 20.78
N ILE C 103 -4.76 11.38 20.03
CA ILE C 103 -4.64 11.46 18.58
C ILE C 103 -5.91 10.85 17.98
N GLY C 104 -6.65 11.63 17.20
CA GLY C 104 -7.89 11.12 16.60
C GLY C 104 -9.02 11.10 17.62
N SER C 105 -10.18 10.56 17.24
CA SER C 105 -11.35 10.59 18.17
C SER C 105 -12.12 9.27 18.13
N SER C 106 -12.60 8.87 16.95
CA SER C 106 -13.35 7.60 16.80
C SER C 106 -12.46 6.45 17.29
N ARG C 107 -11.20 6.41 16.83
CA ARG C 107 -10.25 5.40 17.27
C ARG C 107 -9.06 6.12 17.93
N PRO C 108 -9.25 6.61 19.15
CA PRO C 108 -8.23 7.50 19.73
C PRO C 108 -6.98 6.75 20.15
N VAL C 109 -5.84 7.38 19.99
CA VAL C 109 -4.55 6.83 20.41
C VAL C 109 -3.98 7.82 21.42
N GLN C 110 -4.00 7.45 22.69
CA GLN C 110 -3.39 8.29 23.70
C GLN C 110 -1.87 8.14 23.63
N TRP C 111 -1.16 9.26 23.66
CA TRP C 111 0.27 9.29 23.42
C TRP C 111 0.94 10.18 24.46
N THR C 112 1.90 9.63 25.20
CA THR C 112 2.67 10.35 26.20
C THR C 112 4.15 10.16 25.91
N THR C 113 4.86 11.26 25.70
CA THR C 113 6.31 11.24 25.50
C THR C 113 7.01 11.82 26.73
N VAL C 114 8.05 11.13 27.20
CA VAL C 114 8.80 11.58 28.35
C VAL C 114 10.27 11.75 27.95
N LEU C 115 10.82 12.89 28.34
CA LEU C 115 12.24 13.17 28.21
C LEU C 115 12.92 12.76 29.53
N TRP C 116 13.99 12.00 29.42
CA TRP C 116 14.68 11.51 30.62
C TRP C 116 16.16 11.36 30.34
N ARG C 117 16.95 11.53 31.41
CA ARG C 117 18.38 11.27 31.38
C ARG C 117 18.66 10.01 32.19
N ALA C 118 19.42 9.10 31.59
CA ALA C 118 19.80 7.88 32.27
C ALA C 118 20.81 8.18 33.37
N ASN C 119 20.67 7.49 34.50
CA ASN C 119 21.60 7.60 35.61
C ASN C 119 22.41 6.32 35.80
N ILE C 120 22.51 5.50 34.75
CA ILE C 120 23.25 4.25 34.82
C ILE C 120 23.63 3.87 33.39
N SER C 121 24.73 3.12 33.26
CA SER C 121 25.18 2.60 31.97
C SER C 121 25.08 1.08 32.03
N LYS C 122 24.07 0.53 31.36
CA LYS C 122 23.86 -0.91 31.40
C LYS C 122 23.05 -1.34 30.18
N GLN C 123 22.97 -2.65 29.99
CA GLN C 123 22.21 -3.23 28.88
C GLN C 123 20.80 -3.49 29.35
N ILE C 124 19.82 -2.91 28.67
CA ILE C 124 18.42 -3.00 29.07
C ILE C 124 17.80 -4.17 28.32
N ARG C 125 17.22 -5.12 29.04
CA ARG C 125 16.62 -6.28 28.40
C ARG C 125 15.21 -5.94 27.94
N LEU C 126 14.91 -6.28 26.69
CA LEU C 126 13.57 -6.16 26.14
C LEU C 126 13.11 -7.55 25.74
N ARG C 127 11.92 -7.93 26.20
CA ARG C 127 11.38 -9.25 25.89
C ARG C 127 9.91 -9.28 26.24
N GLY C 128 9.06 -9.52 25.25
CA GLY C 128 7.64 -9.62 25.51
C GLY C 128 7.25 -10.95 26.08
N HIS C 129 6.05 -10.98 26.65
CA HIS C 129 5.46 -12.22 27.14
C HIS C 129 5.54 -13.32 26.08
N ALA C 130 5.62 -14.58 26.54
CA ALA C 130 5.77 -15.70 25.63
C ALA C 130 4.59 -15.81 24.67
N THR C 131 3.39 -15.50 25.15
CA THR C 131 2.21 -15.41 24.30
C THR C 131 2.22 -14.09 23.55
N PRO C 132 2.08 -14.10 22.21
CA PRO C 132 2.12 -12.83 21.46
C PRO C 132 1.22 -11.76 22.06
N THR C 133 1.83 -10.65 22.46
CA THR C 133 1.14 -9.54 23.12
C THR C 133 1.66 -8.20 22.64
N ASP C 134 2.78 -8.16 21.94
CA ASP C 134 3.48 -6.94 21.55
C ASP C 134 2.97 -6.42 20.21
N GLN C 135 2.64 -5.13 20.16
CA GLN C 135 2.29 -4.46 18.93
C GLN C 135 2.98 -3.10 18.90
N PHE C 136 3.17 -2.59 17.70
CA PHE C 136 3.89 -1.35 17.48
C PHE C 136 3.04 -0.43 16.64
N LEU C 137 3.13 0.88 16.91
CA LEU C 137 2.27 1.88 16.29
C LEU C 137 3.14 3.01 15.76
N PHE C 138 2.80 3.52 14.58
CA PHE C 138 3.57 4.60 13.98
C PHE C 138 2.67 5.31 12.98
N PHE C 139 2.64 6.64 13.07
CA PHE C 139 1.88 7.45 12.12
C PHE C 139 2.81 7.74 10.95
N ASN C 140 2.59 7.06 9.84
CA ASN C 140 3.50 7.20 8.71
C ASN C 140 3.09 8.40 7.87
N PRO C 141 3.94 9.43 7.76
CA PRO C 141 3.64 10.57 6.88
C PRO C 141 3.52 10.11 5.43
N GLN C 142 2.48 10.57 4.76
CA GLN C 142 2.26 10.22 3.38
C GLN C 142 2.08 11.48 2.54
N LEU C 143 2.44 11.38 1.26
CA LEU C 143 2.13 12.41 0.27
C LEU C 143 0.74 12.13 -0.27
N SER C 144 -0.16 13.09 -0.11
CA SER C 144 -1.53 12.98 -0.55
C SER C 144 -1.80 14.03 -1.62
N MET C 145 -2.39 13.61 -2.74
CA MET C 145 -2.67 14.50 -3.84
C MET C 145 -4.11 14.33 -4.27
N SER C 146 -4.81 15.44 -4.45
CA SER C 146 -6.21 15.45 -4.90
C SER C 146 -6.24 16.08 -6.28
N GLY C 147 -6.31 15.24 -7.32
CA GLY C 147 -6.38 15.77 -8.68
C GLY C 147 -5.04 16.31 -9.13
N SER C 148 -5.07 17.44 -9.84
CA SER C 148 -3.84 18.12 -10.23
C SER C 148 -3.58 19.34 -9.34
N ASN C 149 -3.47 19.11 -8.03
CA ASN C 149 -3.25 20.17 -7.05
C ASN C 149 -1.94 19.94 -6.31
N LEU C 150 -1.56 20.95 -5.54
CA LEU C 150 -0.37 20.85 -4.71
C LEU C 150 -0.58 19.78 -3.65
N PRO C 151 0.38 18.88 -3.43
CA PRO C 151 0.18 17.81 -2.46
C PRO C 151 0.28 18.31 -1.02
N THR C 152 -0.48 17.64 -0.16
CA THR C 152 -0.47 17.87 1.28
C THR C 152 0.10 16.64 1.99
N THR C 153 0.26 16.75 3.31
CA THR C 153 0.76 15.65 4.13
C THR C 153 -0.41 15.01 4.87
N THR C 154 -0.46 13.68 4.86
CA THR C 154 -1.40 12.92 5.68
C THR C 154 -0.63 11.85 6.45
N TYR C 155 -1.27 11.31 7.47
CA TYR C 155 -0.65 10.32 8.34
C TYR C 155 -1.59 9.15 8.53
N GLY C 156 -1.14 7.97 8.13
CA GLY C 156 -1.84 6.74 8.47
C GLY C 156 -1.42 6.26 9.84
N LEU C 157 -2.10 5.21 10.30
CA LEU C 157 -1.76 4.57 11.57
C LEU C 157 -1.26 3.17 11.23
N THR C 158 0.06 3.04 11.13
CA THR C 158 0.69 1.75 10.88
C THR C 158 0.72 0.96 12.18
N VAL C 159 -0.04 -0.13 12.25
CA VAL C 159 -0.08 -0.96 13.44
C VAL C 159 0.53 -2.31 13.09
N SER C 160 1.54 -2.72 13.85
CA SER C 160 2.21 -3.97 13.58
C SER C 160 1.31 -5.15 13.92
N SER C 161 1.69 -6.32 13.43
CA SER C 161 0.96 -7.53 13.77
C SER C 161 1.31 -7.95 15.19
N LEU C 162 0.50 -8.85 15.74
CA LEU C 162 0.74 -9.32 17.09
C LEU C 162 1.96 -10.23 17.10
N VAL C 163 2.95 -9.95 17.97
CA VAL C 163 4.17 -10.74 18.05
C VAL C 163 4.63 -10.86 19.50
N SER C 164 5.47 -11.86 19.75
CA SER C 164 6.19 -12.00 21.00
C SER C 164 7.61 -11.50 20.75
N LEU C 165 7.88 -10.27 21.19
CA LEU C 165 9.19 -9.67 20.98
C LEU C 165 10.29 -10.62 21.40
N THR C 166 11.19 -10.92 20.46
CA THR C 166 12.36 -11.73 20.78
C THR C 166 13.22 -11.00 21.80
N GLU C 167 13.81 -11.75 22.73
CA GLU C 167 14.63 -11.16 23.78
C GLU C 167 15.86 -10.47 23.21
N ARG C 168 16.04 -9.19 23.57
CA ARG C 168 17.10 -8.38 23.00
C ARG C 168 17.70 -7.50 24.09
N GLN C 169 18.81 -6.84 23.75
CA GLN C 169 19.55 -5.98 24.66
C GLN C 169 19.66 -4.59 24.04
N GLU C 170 19.35 -3.56 24.83
CA GLU C 170 19.48 -2.17 24.40
C GLU C 170 20.37 -1.43 25.39
N GLU C 171 21.55 -1.00 24.93
CA GLU C 171 22.51 -0.36 25.81
C GLU C 171 22.15 1.11 25.99
N ILE C 172 22.13 1.56 27.25
CA ILE C 172 21.94 2.96 27.57
C ILE C 172 23.17 3.43 28.34
N ASN C 173 23.41 4.74 28.30
CA ASN C 173 24.56 5.33 28.96
C ASN C 173 24.12 6.45 29.88
N ALA C 174 24.68 6.47 31.09
CA ALA C 174 24.38 7.53 32.04
C ALA C 174 24.79 8.88 31.46
N GLY C 175 23.96 9.90 31.71
CA GLY C 175 24.19 11.22 31.18
C GLY C 175 23.60 11.46 29.81
N LYS C 176 23.26 10.40 29.09
CA LYS C 176 22.66 10.53 27.77
C LYS C 176 21.16 10.80 27.89
N TRP C 177 20.63 11.46 26.88
CA TRP C 177 19.23 11.84 26.84
C TRP C 177 18.46 10.91 25.93
N TYR C 178 17.28 10.51 26.37
CA TYR C 178 16.44 9.53 25.68
C TYR C 178 15.01 10.02 25.68
N LEU C 179 14.29 9.69 24.61
CA LEU C 179 12.85 9.81 24.53
C LEU C 179 12.21 8.45 24.76
N SER C 180 11.00 8.47 25.33
CA SER C 180 10.26 7.24 25.61
C SER C 180 8.77 7.55 25.57
N THR C 181 8.05 6.85 24.70
CA THR C 181 6.62 7.04 24.59
C THR C 181 5.87 5.95 25.36
N PHE C 182 4.69 6.33 25.86
CA PHE C 182 3.79 5.43 26.56
C PHE C 182 2.41 5.68 25.95
N VAL C 183 1.97 4.76 25.09
CA VAL C 183 0.80 4.95 24.26
C VAL C 183 -0.22 3.85 24.55
N ALA C 184 -1.44 4.11 24.11
CA ALA C 184 -2.55 3.19 24.30
C ALA C 184 -3.53 3.43 23.17
N PHE C 185 -4.17 2.36 22.73
CA PHE C 185 -5.17 2.43 21.66
C PHE C 185 -6.52 2.30 22.32
N ASN C 186 -7.24 3.42 22.41
CA ASN C 186 -8.48 3.50 23.19
C ASN C 186 -8.24 2.96 24.60
N GLY C 187 -7.23 3.52 25.26
CA GLY C 187 -6.80 3.03 26.55
C GLY C 187 -7.56 3.62 27.71
N ARG C 188 -7.11 3.28 28.91
CA ARG C 188 -7.64 3.81 30.16
C ARG C 188 -6.60 4.70 30.82
N ARG C 189 -7.08 5.72 31.53
CA ARG C 189 -6.22 6.66 32.24
C ARG C 189 -5.66 5.97 33.48
N GLU C 190 -4.45 5.42 33.38
CA GLU C 190 -3.89 4.68 34.51
C GLU C 190 -3.44 5.62 35.63
N PHE C 191 -2.66 6.65 35.30
CA PHE C 191 -2.14 7.55 36.32
C PHE C 191 -1.59 8.81 35.65
N ASP C 192 -1.11 9.73 36.48
CA ASP C 192 -0.55 10.98 36.01
C ASP C 192 0.63 11.38 36.89
N ASN C 193 1.75 11.72 36.25
CA ASN C 193 2.95 12.17 36.95
C ASN C 193 3.11 13.67 36.67
N TYR C 194 2.88 14.47 37.71
CA TYR C 194 3.02 15.93 37.64
C TYR C 194 2.11 16.52 36.58
N GLY C 195 0.87 16.03 36.52
CA GLY C 195 -0.13 16.56 35.62
C GLY C 195 -0.21 15.90 34.26
N ILE C 196 0.77 15.09 33.88
CA ILE C 196 0.82 14.48 32.57
C ILE C 196 0.19 13.07 32.69
N PRO C 197 -0.95 12.82 32.06
CA PRO C 197 -1.55 11.48 32.15
C PRO C 197 -0.71 10.42 31.47
N PHE C 198 -0.97 9.17 31.85
CA PHE C 198 -0.31 8.00 31.29
C PHE C 198 -1.38 6.93 31.06
N TYR C 199 -1.60 6.59 29.79
CA TYR C 199 -2.69 5.70 29.41
C TYR C 199 -2.19 4.29 29.13
N LEU C 200 -3.11 3.33 29.24
CA LEU C 200 -2.79 1.92 29.08
C LEU C 200 -3.96 1.25 28.38
N SER C 201 -3.65 0.42 27.38
CA SER C 201 -4.66 -0.34 26.65
C SER C 201 -4.33 -1.82 26.74
N LEU C 202 -5.39 -2.65 26.82
CA LEU C 202 -5.22 -4.05 27.19
C LEU C 202 -5.90 -4.98 26.19
N GLN C 203 -5.99 -4.57 24.93
CA GLN C 203 -6.69 -5.34 23.91
C GLN C 203 -5.83 -5.42 22.66
N GLN C 204 -6.01 -6.50 21.91
CA GLN C 204 -5.44 -6.55 20.58
C GLN C 204 -5.89 -5.34 19.77
N ILE C 205 -4.95 -4.78 19.00
CA ILE C 205 -5.24 -3.66 18.12
C ILE C 205 -5.43 -4.19 16.70
N ASP C 206 -6.57 -3.88 16.12
CA ASP C 206 -6.81 -4.22 14.72
C ASP C 206 -5.78 -3.53 13.83
N THR C 207 -5.03 -4.33 13.07
CA THR C 207 -3.93 -3.79 12.26
C THR C 207 -4.38 -2.96 11.08
N GLN C 208 -5.69 -2.94 10.76
CA GLN C 208 -6.20 -2.10 9.68
C GLN C 208 -6.81 -0.85 10.27
N GLN C 209 -6.14 0.29 10.05
CA GLN C 209 -6.57 1.57 10.60
C GLN C 209 -6.55 2.64 9.52
N GLY C 210 -7.36 3.67 9.73
CA GLY C 210 -7.45 4.77 8.80
C GLY C 210 -6.45 5.88 9.07
N ASN C 211 -6.59 6.96 8.31
CA ASN C 211 -5.75 8.14 8.43
C ASN C 211 -6.14 8.95 9.68
N TYR C 212 -5.19 9.73 10.18
CA TYR C 212 -5.41 10.58 11.34
C TYR C 212 -5.02 12.01 11.01
N GLU C 213 -5.91 12.94 11.30
CA GLU C 213 -5.63 14.33 10.97
C GLU C 213 -4.53 14.87 11.87
N PRO C 214 -3.59 15.64 11.33
CA PRO C 214 -2.49 16.15 12.14
C PRO C 214 -2.92 17.33 13.02
N THR C 215 -2.28 17.40 14.19
CA THR C 215 -2.49 18.48 15.13
C THR C 215 -1.14 18.98 15.63
N THR C 216 -1.12 20.24 16.10
CA THR C 216 0.11 20.77 16.68
C THR C 216 0.50 19.98 17.93
N GLU C 217 -0.48 19.60 18.75
CA GLU C 217 -0.18 18.76 19.90
C GLU C 217 0.42 17.44 19.48
N ALA C 218 0.01 16.89 18.33
CA ALA C 218 0.62 15.68 17.82
C ALA C 218 2.08 15.92 17.43
N TYR C 219 2.37 17.06 16.79
CA TYR C 219 3.76 17.41 16.54
C TYR C 219 4.50 17.62 17.84
N ASN C 220 3.86 18.26 18.82
CA ASN C 220 4.51 18.59 20.08
C ASN C 220 5.03 17.34 20.77
N VAL C 221 4.16 16.32 20.92
CA VAL C 221 4.57 15.07 21.56
C VAL C 221 5.44 14.23 20.64
N GLY C 222 5.56 14.60 19.37
CA GLY C 222 6.35 13.83 18.44
C GLY C 222 5.65 12.63 17.84
N ALA C 223 4.32 12.55 17.94
CA ALA C 223 3.64 11.37 17.41
C ALA C 223 3.56 11.42 15.88
N MET C 224 3.62 12.60 15.28
CA MET C 224 3.61 12.74 13.82
C MET C 224 4.77 13.63 13.40
N LEU C 225 5.62 13.12 12.52
CA LEU C 225 6.80 13.88 12.10
C LEU C 225 6.41 15.05 11.21
N ASN C 226 7.21 16.12 11.29
CA ASN C 226 7.07 17.25 10.40
C ASN C 226 8.42 17.93 10.31
N THR C 227 8.64 18.62 9.20
CA THR C 227 9.96 19.17 8.92
C THR C 227 10.33 20.27 9.91
N ALA C 228 11.57 20.19 10.41
CA ALA C 228 12.12 21.21 11.32
C ALA C 228 11.22 21.47 12.51
N THR C 229 10.49 20.46 12.97
CA THR C 229 9.58 20.65 14.07
C THR C 229 10.15 20.02 15.33
N PRO C 230 10.40 20.78 16.38
CA PRO C 230 10.94 20.21 17.62
C PRO C 230 9.81 19.64 18.46
N LEU C 231 10.21 18.93 19.50
CA LEU C 231 9.26 18.55 20.53
C LEU C 231 8.92 19.77 21.40
N LYS C 232 7.76 19.71 22.04
CA LYS C 232 7.35 20.75 22.98
C LYS C 232 6.69 20.05 24.17
N LEU C 233 7.45 19.86 25.25
CA LEU C 233 6.96 19.20 26.45
C LEU C 233 6.99 20.16 27.63
N HIS C 234 6.23 19.83 28.66
CA HIS C 234 6.13 20.65 29.85
C HIS C 234 7.11 20.17 30.92
N LEU C 235 7.75 21.12 31.59
CA LEU C 235 8.59 20.78 32.74
C LEU C 235 7.75 20.25 33.88
N ASN C 236 8.37 19.37 34.68
CA ASN C 236 7.71 18.79 35.84
C ASN C 236 7.33 19.86 36.85
N ALA C 237 6.04 20.12 37.02
CA ALA C 237 5.58 21.09 38.00
C ALA C 237 4.28 20.63 38.65
N PRO D 8 27.65 26.22 9.87
CA PRO D 8 26.24 25.88 9.63
C PRO D 8 25.35 26.26 10.79
N VAL D 9 24.13 26.69 10.51
CA VAL D 9 23.16 26.94 11.56
C VAL D 9 22.03 25.94 11.47
N GLN D 10 21.52 25.57 12.64
CA GLN D 10 20.36 24.71 12.77
C GLN D 10 19.10 25.56 12.70
N ILE D 11 18.05 24.97 12.14
CA ILE D 11 16.75 25.63 12.00
C ILE D 11 15.67 24.71 12.53
N TYR D 12 14.75 25.28 13.30
CA TYR D 12 13.50 24.60 13.61
C TYR D 12 12.43 25.66 13.77
N SER D 13 11.19 25.19 13.86
CA SER D 13 10.02 26.03 13.97
C SER D 13 8.84 25.13 14.31
N PRO D 14 7.92 25.59 15.14
CA PRO D 14 6.64 24.87 15.29
C PRO D 14 5.87 24.93 13.99
N SER D 15 5.35 23.79 13.56
CA SER D 15 4.60 23.74 12.32
C SER D 15 3.21 24.35 12.52
N LEU D 16 2.66 24.88 11.44
CA LEU D 16 1.26 25.26 11.44
C LEU D 16 0.40 24.00 11.54
N PHE D 17 -0.84 24.19 12.02
CA PHE D 17 -1.78 23.09 12.14
C PHE D 17 -2.03 22.44 10.78
N GLY D 18 -1.62 21.18 10.62
CA GLY D 18 -1.77 20.47 9.37
C GLY D 18 -0.83 20.90 8.27
N GLU D 19 0.19 21.70 8.57
CA GLU D 19 1.07 22.22 7.53
C GLU D 19 1.83 21.06 6.88
N PRO D 20 1.86 20.99 5.55
CA PRO D 20 2.54 19.88 4.88
C PRO D 20 4.03 19.84 5.18
N ALA D 21 4.61 18.66 5.04
CA ALA D 21 6.04 18.50 5.17
C ALA D 21 6.75 18.84 3.86
N LEU D 22 8.05 19.05 3.95
CA LEU D 22 8.86 19.31 2.78
C LEU D 22 8.74 18.18 1.77
N TYR D 23 8.48 18.55 0.53
CA TYR D 23 8.43 17.60 -0.58
C TYR D 23 9.21 18.13 -1.76
N GLY D 24 9.52 17.23 -2.67
CA GLY D 24 10.17 17.61 -3.90
C GLY D 24 9.20 17.75 -5.04
N SER D 25 9.58 18.53 -6.05
CA SER D 25 8.72 18.72 -7.21
C SER D 25 9.58 18.88 -8.45
N THR D 26 9.06 18.38 -9.57
CA THR D 26 9.71 18.51 -10.86
C THR D 26 8.69 19.06 -11.85
N ALA D 27 9.15 19.93 -12.76
CA ALA D 27 8.23 20.57 -13.69
C ALA D 27 8.79 20.72 -15.10
N THR D 28 9.86 20.00 -15.45
CA THR D 28 10.55 20.18 -16.72
C THR D 28 10.76 18.84 -17.40
N ILE D 29 10.35 18.76 -18.67
CA ILE D 29 10.54 17.58 -19.50
C ILE D 29 10.84 18.08 -20.91
N GLY D 30 12.00 17.70 -21.45
CA GLY D 30 12.47 18.24 -22.70
C GLY D 30 12.72 19.73 -22.63
N GLN D 31 12.01 20.50 -23.46
CA GLN D 31 12.10 21.95 -23.46
C GLN D 31 10.94 22.60 -22.72
N ARG D 32 10.08 21.80 -22.10
CA ARG D 32 8.92 22.33 -21.39
C ARG D 32 9.35 22.87 -20.02
N VAL D 33 8.87 24.06 -19.69
CA VAL D 33 9.05 24.65 -18.36
C VAL D 33 7.67 25.02 -17.84
N PRO D 34 7.53 25.14 -16.52
CA PRO D 34 6.23 25.55 -15.97
C PRO D 34 5.85 26.97 -16.38
N VAL D 35 4.54 27.21 -16.46
CA VAL D 35 4.05 28.54 -16.80
C VAL D 35 4.35 29.52 -15.68
N ALA D 36 4.18 29.09 -14.44
CA ALA D 36 4.42 29.92 -13.27
C ALA D 36 4.98 29.02 -12.17
N ALA D 37 6.04 29.45 -11.52
CA ALA D 37 6.67 28.64 -10.48
C ALA D 37 7.64 29.50 -9.70
N VAL D 38 8.07 28.98 -8.54
CA VAL D 38 9.20 29.61 -7.85
C VAL D 38 10.47 29.20 -8.57
N CYS D 39 11.31 30.19 -8.86
CA CYS D 39 12.50 30.00 -9.68
C CYS D 39 13.74 30.44 -8.92
N MET D 40 14.81 29.67 -9.06
CA MET D 40 16.12 30.07 -8.59
C MET D 40 17.06 30.20 -9.77
N GLN D 41 17.75 31.34 -9.84
CA GLN D 41 18.69 31.62 -10.91
C GLN D 41 20.12 31.50 -10.40
N ALA D 42 21.03 31.19 -11.32
CA ALA D 42 22.44 31.14 -10.98
C ALA D 42 22.97 32.54 -10.70
N VAL D 43 23.73 32.68 -9.61
CA VAL D 43 24.45 33.92 -9.36
C VAL D 43 25.47 34.11 -10.49
N GLY D 44 25.36 35.23 -11.20
CA GLY D 44 26.23 35.46 -12.34
C GLY D 44 26.03 34.50 -13.49
N GLY D 45 24.86 33.87 -13.58
CA GLY D 45 24.58 32.97 -14.69
C GLY D 45 23.16 33.13 -15.18
N ALA D 46 22.86 32.45 -16.29
CA ALA D 46 21.53 32.43 -16.88
C ALA D 46 20.76 31.14 -16.60
N GLN D 47 21.40 30.14 -15.98
CA GLN D 47 20.72 28.88 -15.72
C GLN D 47 19.71 29.05 -14.60
N LYS D 48 18.60 28.32 -14.68
CA LYS D 48 17.54 28.41 -13.68
C LYS D 48 16.99 27.03 -13.39
N VAL D 49 16.55 26.83 -12.15
CA VAL D 49 15.79 25.65 -11.77
C VAL D 49 14.42 26.13 -11.29
N TYR D 50 13.48 25.19 -11.22
CA TYR D 50 12.09 25.53 -10.91
C TYR D 50 11.58 24.66 -9.76
N THR D 51 10.57 25.18 -9.06
CA THR D 51 9.90 24.41 -8.02
C THR D 51 8.54 25.02 -7.72
N TYR D 52 7.66 24.19 -7.17
CA TYR D 52 6.43 24.60 -6.54
C TYR D 52 6.52 24.53 -5.02
N SER D 53 7.65 24.07 -4.49
CA SER D 53 7.78 23.87 -3.05
C SER D 53 7.95 25.22 -2.36
N LEU D 54 7.00 25.57 -1.48
CA LEU D 54 7.03 26.84 -0.75
C LEU D 54 6.43 26.57 0.63
N ARG D 55 7.25 26.57 1.67
CA ARG D 55 6.78 26.18 3.01
C ARG D 55 7.12 27.25 4.03
N GLU D 56 6.08 27.81 4.65
CA GLU D 56 6.25 28.87 5.63
C GLU D 56 6.90 28.32 6.90
N LEU D 57 7.89 29.03 7.41
CA LEU D 57 8.46 28.75 8.72
C LEU D 57 7.88 29.80 9.65
N LEU D 58 6.82 29.44 10.35
CA LEU D 58 6.17 30.40 11.25
C LEU D 58 7.07 30.61 12.47
N ASP D 59 7.73 31.76 12.53
CA ASP D 59 8.62 32.11 13.62
C ASP D 59 9.66 31.02 13.85
N PRO D 60 10.69 30.94 13.02
CA PRO D 60 11.77 29.97 13.24
C PRO D 60 12.77 30.49 14.26
N VAL D 61 13.74 29.62 14.59
CA VAL D 61 14.90 30.02 15.35
C VAL D 61 16.12 29.43 14.67
N PHE D 62 17.26 30.11 14.83
CA PHE D 62 18.49 29.72 14.17
C PHE D 62 19.55 29.55 15.23
N VAL D 63 20.17 28.37 15.27
CA VAL D 63 21.17 28.05 16.27
C VAL D 63 22.47 27.79 15.55
N GLN D 64 23.52 28.49 15.95
CA GLN D 64 24.84 28.36 15.35
C GLN D 64 25.85 28.03 16.44
N ASN D 65 26.55 26.90 16.28
CA ASN D 65 27.60 26.44 17.18
C ASN D 65 27.15 26.38 18.64
N GLY D 66 25.85 26.37 18.89
CA GLY D 66 25.32 26.26 20.24
C GLY D 66 24.48 27.42 20.71
N ASN D 67 24.40 28.54 19.98
CA ASN D 67 23.70 29.71 20.45
C ASN D 67 22.67 30.18 19.42
N ILE D 68 21.52 30.63 19.91
CA ILE D 68 20.55 31.30 19.06
C ILE D 68 21.19 32.55 18.47
N ILE D 69 20.97 32.75 17.17
CA ILE D 69 21.53 33.90 16.46
C ILE D 69 20.43 34.55 15.63
N ASP D 70 20.63 35.82 15.31
CA ASP D 70 19.81 36.55 14.36
C ASP D 70 20.53 36.45 13.01
N ILE D 71 20.03 35.60 12.12
CA ILE D 71 20.69 35.36 10.85
C ILE D 71 20.75 36.61 9.99
N THR D 72 19.93 37.62 10.28
CA THR D 72 19.85 38.82 9.47
C THR D 72 20.83 39.91 9.90
N VAL D 73 21.65 39.69 10.92
CA VAL D 73 22.69 40.65 11.31
C VAL D 73 24.07 40.15 10.98
N ILE D 74 24.20 38.93 10.44
CA ILE D 74 25.49 38.44 9.97
C ILE D 74 25.89 39.22 8.72
N ASP D 75 27.04 39.87 8.78
CA ASP D 75 27.54 40.62 7.63
C ASP D 75 28.05 39.62 6.59
N LEU D 76 27.10 39.02 5.88
CA LEU D 76 27.40 38.00 4.88
C LEU D 76 26.38 38.15 3.76
N PRO D 77 26.75 37.82 2.52
CA PRO D 77 25.88 38.11 1.38
C PRO D 77 24.71 37.13 1.28
N THR D 78 23.71 37.54 0.50
CA THR D 78 22.57 36.72 0.16
C THR D 78 22.41 36.70 -1.35
N TYR D 79 21.54 35.82 -1.84
CA TYR D 79 21.21 35.83 -3.26
C TYR D 79 19.71 35.68 -3.43
N PRO D 80 19.14 36.31 -4.46
CA PRO D 80 17.68 36.38 -4.57
C PRO D 80 17.07 35.02 -4.87
N ILE D 81 15.77 34.91 -4.58
CA ILE D 81 14.92 33.85 -5.10
C ILE D 81 13.80 34.51 -5.89
N TYR D 82 13.42 33.89 -7.00
CA TYR D 82 12.54 34.48 -7.99
C TYR D 82 11.23 33.72 -8.09
N GLN D 83 10.25 34.37 -8.70
CA GLN D 83 9.13 33.68 -9.31
C GLN D 83 9.28 33.80 -10.82
N LYS D 84 8.92 32.73 -11.52
CA LYS D 84 8.63 32.80 -12.94
C LYS D 84 7.12 32.93 -13.09
N ASP D 85 6.66 33.92 -13.85
CA ASP D 85 5.24 34.20 -13.99
C ASP D 85 4.97 34.51 -15.46
N GLY D 86 4.59 33.47 -16.21
CA GLY D 86 4.53 33.58 -17.65
C GLY D 86 5.93 33.70 -18.19
N SER D 87 6.18 34.76 -18.96
CA SER D 87 7.51 35.09 -19.46
C SER D 87 8.30 35.99 -18.52
N ASP D 88 7.71 36.42 -17.41
CA ASP D 88 8.31 37.43 -16.55
C ASP D 88 8.86 36.76 -15.30
N TYR D 89 10.12 37.04 -14.99
CA TYR D 89 10.75 36.63 -13.73
C TYR D 89 10.87 37.85 -12.83
N SER D 90 10.62 37.67 -11.53
CA SER D 90 10.72 38.76 -10.57
C SER D 90 11.19 38.27 -9.21
N PRO D 91 12.01 39.04 -8.51
CA PRO D 91 12.50 38.60 -7.20
C PRO D 91 11.38 38.62 -6.16
N ILE D 92 11.41 37.63 -5.28
CA ILE D 92 10.43 37.53 -4.20
C ILE D 92 11.05 37.46 -2.82
N GLY D 93 12.33 37.10 -2.70
CA GLY D 93 12.96 37.12 -1.40
C GLY D 93 14.46 36.92 -1.56
N ASP D 94 15.14 36.77 -0.43
CA ASP D 94 16.57 36.58 -0.45
C ASP D 94 16.93 35.32 0.32
N VAL D 95 17.90 34.57 -0.20
CA VAL D 95 18.30 33.30 0.40
C VAL D 95 19.41 33.57 1.40
N TYR D 96 19.26 33.03 2.60
CA TYR D 96 20.27 33.16 3.65
C TYR D 96 21.09 31.89 3.84
N ALA D 97 20.52 30.73 3.51
CA ALA D 97 21.23 29.48 3.72
C ALA D 97 20.67 28.41 2.78
N ALA D 98 21.51 27.44 2.47
CA ALA D 98 21.11 26.31 1.64
C ALA D 98 22.06 25.14 1.89
N HIS D 99 21.64 23.97 1.43
CA HIS D 99 22.45 22.76 1.52
C HIS D 99 21.91 21.70 0.57
N PHE D 100 22.81 20.82 0.15
CA PHE D 100 22.56 19.82 -0.87
C PHE D 100 22.98 18.44 -0.39
N THR D 101 22.32 17.42 -0.93
CA THR D 101 22.77 16.03 -0.79
C THR D 101 22.11 15.18 -1.86
N THR D 102 22.73 14.04 -2.14
CA THR D 102 22.20 13.05 -3.06
C THR D 102 21.66 11.87 -2.28
N ILE D 103 20.42 11.50 -2.55
CA ILE D 103 19.79 10.34 -1.94
C ILE D 103 19.72 9.25 -2.99
N GLY D 104 20.42 8.15 -2.75
CA GLY D 104 20.42 7.01 -3.65
C GLY D 104 21.62 7.01 -4.58
N SER D 105 21.78 5.89 -5.28
CA SER D 105 22.91 5.73 -6.19
C SER D 105 22.45 5.10 -7.51
N SER D 106 21.65 4.05 -7.44
CA SER D 106 21.09 3.45 -8.64
C SER D 106 20.05 4.37 -9.27
N ARG D 107 19.21 5.00 -8.44
CA ARG D 107 18.21 5.96 -8.87
C ARG D 107 18.38 7.25 -8.07
N PRO D 108 19.42 8.03 -8.36
CA PRO D 108 19.80 9.12 -7.46
C PRO D 108 18.77 10.24 -7.42
N VAL D 109 18.59 10.80 -6.22
CA VAL D 109 17.71 11.94 -6.00
C VAL D 109 18.57 13.09 -5.48
N GLN D 110 18.68 14.14 -6.28
CA GLN D 110 19.40 15.35 -5.88
C GLN D 110 18.41 16.28 -5.19
N TRP D 111 18.69 16.62 -3.94
CA TRP D 111 17.80 17.46 -3.12
C TRP D 111 18.56 18.70 -2.66
N THR D 112 18.06 19.87 -3.04
CA THR D 112 18.60 21.15 -2.59
C THR D 112 17.51 21.90 -1.82
N THR D 113 17.79 22.21 -0.56
CA THR D 113 16.92 23.06 0.24
C THR D 113 17.53 24.45 0.35
N VAL D 114 16.66 25.47 0.42
CA VAL D 114 17.09 26.84 0.59
C VAL D 114 16.17 27.51 1.59
N LEU D 115 16.77 28.28 2.49
CA LEU D 115 16.04 29.11 3.43
C LEU D 115 16.08 30.53 2.89
N TRP D 116 14.92 31.20 2.92
CA TRP D 116 14.83 32.53 2.32
C TRP D 116 13.75 33.34 3.02
N ARG D 117 13.94 34.66 3.03
CA ARG D 117 13.00 35.59 3.63
C ARG D 117 12.33 36.41 2.53
N ALA D 118 11.00 36.46 2.56
CA ALA D 118 10.27 37.24 1.57
C ALA D 118 10.54 38.72 1.77
N ASN D 119 10.74 39.43 0.67
CA ASN D 119 10.94 40.87 0.68
C ASN D 119 9.77 41.62 0.06
N ILE D 120 8.69 40.92 -0.27
CA ILE D 120 7.47 41.55 -0.77
C ILE D 120 6.31 40.63 -0.43
N SER D 121 5.19 41.21 -0.01
CA SER D 121 3.95 40.49 0.23
C SER D 121 3.16 40.45 -1.06
N LYS D 122 2.98 39.25 -1.61
CA LYS D 122 2.33 39.11 -2.90
C LYS D 122 1.62 37.76 -2.97
N GLN D 123 0.66 37.66 -3.89
CA GLN D 123 0.06 36.40 -4.32
C GLN D 123 0.99 35.80 -5.37
N ILE D 124 1.64 34.68 -5.03
CA ILE D 124 2.55 34.01 -5.96
C ILE D 124 1.78 32.94 -6.74
N ARG D 125 1.70 33.11 -8.05
CA ARG D 125 0.97 32.17 -8.91
C ARG D 125 1.85 30.96 -9.23
N LEU D 126 1.26 29.77 -9.11
CA LEU D 126 1.89 28.54 -9.58
C LEU D 126 0.97 27.90 -10.61
N ARG D 127 1.59 27.38 -11.68
CA ARG D 127 0.84 26.78 -12.79
C ARG D 127 1.82 26.07 -13.69
N GLY D 128 1.63 24.77 -13.88
CA GLY D 128 2.52 24.02 -14.75
C GLY D 128 2.14 24.17 -16.20
N HIS D 129 3.02 23.69 -17.06
CA HIS D 129 2.78 23.66 -18.49
C HIS D 129 1.48 22.95 -18.83
N ALA D 130 0.83 23.41 -19.91
CA ALA D 130 -0.46 22.86 -20.30
C ALA D 130 -0.37 21.36 -20.55
N THR D 131 0.72 20.91 -21.14
CA THR D 131 1.01 19.49 -21.25
C THR D 131 1.50 18.96 -19.91
N PRO D 132 0.91 17.87 -19.39
CA PRO D 132 1.30 17.38 -18.07
C PRO D 132 2.82 17.19 -17.96
N THR D 133 3.44 17.96 -17.06
CA THR D 133 4.88 17.89 -16.84
C THR D 133 5.25 17.74 -15.37
N ASP D 134 4.31 18.01 -14.46
CA ASP D 134 4.60 18.18 -13.04
C ASP D 134 4.53 16.86 -12.29
N GLN D 135 5.56 16.61 -11.47
CA GLN D 135 5.60 15.44 -10.60
C GLN D 135 6.14 15.88 -9.24
N PHE D 136 5.68 15.20 -8.20
CA PHE D 136 6.02 15.53 -6.83
C PHE D 136 6.68 14.33 -6.17
N LEU D 137 7.66 14.60 -5.31
CA LEU D 137 8.47 13.54 -4.72
C LEU D 137 8.48 13.70 -3.20
N PHE D 138 8.39 12.57 -2.50
CA PHE D 138 8.42 12.60 -1.05
C PHE D 138 8.96 11.27 -0.56
N PHE D 139 9.89 11.31 0.39
CA PHE D 139 10.37 10.10 1.03
C PHE D 139 9.48 9.84 2.23
N ASN D 140 8.56 8.88 2.08
CA ASN D 140 7.58 8.62 3.12
C ASN D 140 8.17 7.72 4.21
N PRO D 141 8.33 8.21 5.43
CA PRO D 141 8.86 7.37 6.51
C PRO D 141 7.96 6.17 6.76
N GLN D 142 8.56 5.00 6.85
CA GLN D 142 7.81 3.75 6.97
C GLN D 142 8.26 2.98 8.19
N LEU D 143 7.29 2.39 8.89
CA LEU D 143 7.54 1.51 10.03
C LEU D 143 7.83 0.11 9.50
N SER D 144 9.10 -0.25 9.49
CA SER D 144 9.53 -1.57 9.01
C SER D 144 9.78 -2.50 10.18
N MET D 145 9.51 -3.79 9.96
CA MET D 145 9.67 -4.79 11.00
C MET D 145 10.15 -6.09 10.39
N SER D 146 11.20 -6.65 10.97
CA SER D 146 11.78 -7.91 10.51
C SER D 146 11.37 -8.99 11.51
N GLY D 147 10.20 -9.58 11.29
CA GLY D 147 9.76 -10.66 12.16
C GLY D 147 9.31 -10.13 13.51
N SER D 148 9.83 -10.72 14.58
CA SER D 148 9.47 -10.29 15.93
C SER D 148 10.63 -9.56 16.59
N ASN D 149 11.17 -8.55 15.92
CA ASN D 149 12.21 -7.70 16.49
C ASN D 149 11.70 -6.28 16.63
N LEU D 150 12.53 -5.42 17.19
CA LEU D 150 12.15 -4.02 17.31
C LEU D 150 12.04 -3.40 15.93
N PRO D 151 10.99 -2.60 15.68
CA PRO D 151 10.87 -1.96 14.37
C PRO D 151 11.89 -0.85 14.18
N THR D 152 12.07 -0.49 12.91
CA THR D 152 12.95 0.59 12.46
C THR D 152 12.16 1.49 11.52
N THR D 153 12.78 2.63 11.15
CA THR D 153 12.18 3.58 10.22
C THR D 153 12.80 3.39 8.84
N THR D 154 11.97 2.98 7.88
CA THR D 154 12.34 2.88 6.47
C THR D 154 11.73 4.06 5.70
N TYR D 155 12.40 4.47 4.63
CA TYR D 155 11.87 5.50 3.73
C TYR D 155 11.69 4.93 2.33
N GLY D 156 10.47 5.04 1.81
CA GLY D 156 10.21 4.80 0.41
C GLY D 156 10.17 6.10 -0.36
N LEU D 157 10.28 6.01 -1.68
CA LEU D 157 10.20 7.17 -2.55
C LEU D 157 8.81 7.21 -3.18
N THR D 158 8.01 8.18 -2.78
CA THR D 158 6.69 8.41 -3.35
C THR D 158 6.80 9.41 -4.49
N VAL D 159 6.45 8.98 -5.70
CA VAL D 159 6.50 9.83 -6.88
C VAL D 159 5.09 9.89 -7.44
N SER D 160 4.50 11.09 -7.48
CA SER D 160 3.13 11.21 -7.93
C SER D 160 3.07 11.07 -9.46
N SER D 161 1.85 10.95 -9.97
CA SER D 161 1.66 10.78 -11.41
C SER D 161 1.94 12.08 -12.14
N LEU D 162 2.18 11.96 -13.44
CA LEU D 162 2.39 13.12 -14.28
C LEU D 162 1.09 13.91 -14.36
N VAL D 163 1.14 15.20 -13.98
CA VAL D 163 -0.05 16.04 -14.00
C VAL D 163 0.34 17.43 -14.50
N SER D 164 -0.69 18.19 -14.88
CA SER D 164 -0.56 19.60 -15.20
C SER D 164 -1.13 20.39 -14.03
N LEU D 165 -0.25 20.90 -13.16
CA LEU D 165 -0.66 21.63 -11.97
C LEU D 165 -1.66 22.72 -12.31
N THR D 166 -2.85 22.64 -11.72
CA THR D 166 -3.86 23.66 -11.93
C THR D 166 -3.37 25.00 -11.40
N GLU D 167 -3.70 26.07 -12.13
CA GLU D 167 -3.35 27.41 -11.66
C GLU D 167 -3.71 27.59 -10.20
N ARG D 168 -2.85 28.31 -9.48
CA ARG D 168 -3.05 28.53 -8.07
C ARG D 168 -2.20 29.70 -7.62
N GLN D 169 -2.58 30.29 -6.50
CA GLN D 169 -1.87 31.44 -5.95
C GLN D 169 -1.52 31.11 -4.50
N GLU D 170 -0.27 31.35 -4.14
CA GLU D 170 0.22 31.11 -2.78
C GLU D 170 0.69 32.43 -2.22
N GLU D 171 0.01 32.91 -1.17
CA GLU D 171 0.34 34.19 -0.57
C GLU D 171 1.65 34.10 0.21
N ILE D 172 2.53 35.09 0.01
CA ILE D 172 3.72 35.25 0.82
C ILE D 172 3.67 36.63 1.46
N ASN D 173 4.25 36.74 2.65
CA ASN D 173 4.27 37.99 3.40
C ASN D 173 5.71 38.39 3.66
N ALA D 174 6.03 39.65 3.36
CA ALA D 174 7.40 40.14 3.51
C ALA D 174 7.88 39.96 4.94
N GLY D 175 9.11 39.48 5.08
CA GLY D 175 9.72 39.25 6.37
C GLY D 175 9.54 37.84 6.90
N LYS D 176 8.55 37.10 6.41
CA LYS D 176 8.37 35.73 6.84
C LYS D 176 9.39 34.82 6.19
N TRP D 177 9.68 33.72 6.86
CA TRP D 177 10.70 32.78 6.40
C TRP D 177 10.03 31.60 5.71
N TYR D 178 10.71 31.07 4.70
CA TYR D 178 10.14 30.02 3.87
C TYR D 178 11.23 29.02 3.51
N LEU D 179 10.83 27.76 3.39
CA LEU D 179 11.67 26.73 2.80
C LEU D 179 11.23 26.50 1.36
N SER D 180 12.21 26.26 0.49
CA SER D 180 11.96 25.88 -0.90
C SER D 180 12.99 24.84 -1.31
N THR D 181 12.50 23.69 -1.77
CA THR D 181 13.36 22.64 -2.30
C THR D 181 13.49 22.76 -3.81
N PHE D 182 14.64 22.32 -4.33
CA PHE D 182 14.88 22.20 -5.76
C PHE D 182 15.48 20.82 -5.97
N VAL D 183 14.71 19.92 -6.60
CA VAL D 183 15.07 18.50 -6.67
C VAL D 183 15.02 18.00 -8.10
N ALA D 184 15.67 16.86 -8.32
CA ALA D 184 15.75 16.25 -9.63
C ALA D 184 15.92 14.75 -9.44
N PHE D 185 15.41 14.00 -10.41
CA PHE D 185 15.51 12.54 -10.42
C PHE D 185 16.57 12.19 -11.46
N ASN D 186 17.76 11.82 -10.98
CA ASN D 186 18.93 11.58 -11.83
C ASN D 186 19.08 12.69 -12.86
N GLY D 187 19.36 13.89 -12.36
CA GLY D 187 19.38 15.09 -13.17
C GLY D 187 20.77 15.58 -13.49
N ARG D 188 20.83 16.82 -13.96
CA ARG D 188 22.07 17.47 -14.34
C ARG D 188 22.33 18.68 -13.44
N ARG D 189 23.60 18.94 -13.15
CA ARG D 189 23.97 20.10 -12.35
C ARG D 189 23.89 21.34 -13.22
N GLU D 190 22.86 22.17 -12.97
CA GLU D 190 22.69 23.36 -13.77
C GLU D 190 23.63 24.47 -13.32
N PHE D 191 23.83 24.64 -12.01
CA PHE D 191 24.65 25.74 -11.52
C PHE D 191 24.96 25.56 -10.04
N ASP D 192 25.82 26.45 -9.54
CA ASP D 192 26.30 26.46 -8.16
C ASP D 192 26.13 27.86 -7.58
N ASN D 193 25.54 27.96 -6.40
CA ASN D 193 25.42 29.24 -5.71
C ASN D 193 26.05 29.13 -4.34
N TYR D 194 27.22 29.75 -4.17
CA TYR D 194 27.95 29.77 -2.91
C TYR D 194 28.29 28.37 -2.42
N GLY D 195 28.46 27.43 -3.35
CA GLY D 195 28.89 26.09 -3.02
C GLY D 195 27.78 25.05 -2.98
N ILE D 196 26.52 25.46 -3.13
CA ILE D 196 25.39 24.55 -3.07
C ILE D 196 24.93 24.31 -4.51
N PRO D 197 25.01 23.08 -5.02
CA PRO D 197 24.55 22.83 -6.38
C PRO D 197 23.04 22.73 -6.49
N PHE D 198 22.55 23.00 -7.70
CA PHE D 198 21.13 22.96 -8.03
C PHE D 198 21.00 22.07 -9.25
N TYR D 199 20.31 20.94 -9.09
CA TYR D 199 20.17 19.98 -10.18
C TYR D 199 18.80 20.11 -10.84
N LEU D 200 18.73 19.63 -12.09
CA LEU D 200 17.50 19.63 -12.85
C LEU D 200 17.38 18.30 -13.60
N SER D 201 16.18 17.73 -13.61
CA SER D 201 15.89 16.56 -14.43
C SER D 201 14.86 16.91 -15.50
N LEU D 202 14.99 16.26 -16.66
CA LEU D 202 14.18 16.59 -17.84
C LEU D 202 13.39 15.40 -18.36
N GLN D 203 13.20 14.36 -17.57
CA GLN D 203 12.48 13.18 -18.01
C GLN D 203 11.36 12.86 -17.03
N GLN D 204 10.33 12.19 -17.54
CA GLN D 204 9.29 11.69 -16.66
C GLN D 204 9.89 10.70 -15.67
N ILE D 205 9.38 10.71 -14.44
CA ILE D 205 9.86 9.84 -13.37
C ILE D 205 8.87 8.68 -13.20
N ASP D 206 9.38 7.46 -13.22
CA ASP D 206 8.56 6.28 -12.97
C ASP D 206 8.05 6.27 -11.53
N THR D 207 6.73 6.08 -11.38
CA THR D 207 6.11 6.10 -10.05
C THR D 207 6.55 4.90 -9.20
N GLN D 208 6.80 3.76 -9.81
CA GLN D 208 7.27 2.59 -9.06
C GLN D 208 8.72 2.82 -8.65
N GLN D 209 8.94 3.18 -7.39
CA GLN D 209 10.26 3.44 -6.85
C GLN D 209 10.38 2.80 -5.48
N GLY D 210 11.49 2.09 -5.25
CA GLY D 210 11.69 1.35 -4.03
C GLY D 210 12.16 2.22 -2.88
N ASN D 211 12.73 1.55 -1.88
CA ASN D 211 13.18 2.17 -0.64
C ASN D 211 14.55 2.84 -0.84
N TYR D 212 14.84 3.84 0.00
CA TYR D 212 16.09 4.58 -0.06
C TYR D 212 16.75 4.61 1.31
N GLU D 213 18.05 4.36 1.34
CA GLU D 213 18.79 4.33 2.60
C GLU D 213 18.91 5.75 3.15
N PRO D 214 18.65 5.96 4.44
CA PRO D 214 18.80 7.30 5.02
C PRO D 214 20.27 7.69 5.16
N THR D 215 20.48 9.00 5.22
CA THR D 215 21.79 9.58 5.51
C THR D 215 21.60 10.77 6.45
N THR D 216 22.69 11.19 7.08
CA THR D 216 22.62 12.33 7.99
C THR D 216 22.39 13.63 7.22
N GLU D 217 22.98 13.77 6.04
CA GLU D 217 22.69 14.95 5.22
C GLU D 217 21.25 14.97 4.77
N ALA D 218 20.63 13.80 4.56
CA ALA D 218 19.22 13.78 4.20
C ALA D 218 18.35 14.33 5.33
N TYR D 219 18.69 13.99 6.57
CA TYR D 219 18.04 14.62 7.72
C TYR D 219 18.25 16.12 7.71
N ASN D 220 19.45 16.56 7.33
CA ASN D 220 19.80 17.99 7.37
C ASN D 220 18.98 18.78 6.36
N VAL D 221 19.09 18.43 5.08
CA VAL D 221 18.38 19.15 4.04
C VAL D 221 16.86 19.02 4.16
N GLY D 222 16.39 18.15 5.03
CA GLY D 222 14.98 17.94 5.19
C GLY D 222 14.36 16.97 4.21
N ALA D 223 15.17 16.18 3.49
CA ALA D 223 14.58 15.26 2.55
C ALA D 223 13.89 14.09 3.27
N MET D 224 14.42 13.67 4.42
CA MET D 224 13.81 12.58 5.18
C MET D 224 13.48 13.04 6.59
N LEU D 225 12.22 12.84 6.98
CA LEU D 225 11.77 13.24 8.30
C LEU D 225 12.41 12.37 9.39
N ASN D 226 12.66 13.00 10.53
CA ASN D 226 13.01 12.25 11.72
C ASN D 226 12.55 13.03 12.94
N THR D 227 12.55 12.36 14.08
CA THR D 227 11.98 12.94 15.29
C THR D 227 12.87 14.05 15.84
N ALA D 228 12.25 15.20 16.12
CA ALA D 228 12.90 16.34 16.74
C ALA D 228 14.18 16.76 16.01
N THR D 229 14.24 16.55 14.70
CA THR D 229 15.50 16.74 13.99
C THR D 229 15.49 18.04 13.23
N PRO D 230 16.37 18.98 13.54
CA PRO D 230 16.36 20.26 12.84
C PRO D 230 16.95 20.13 11.44
N LEU D 231 16.68 21.15 10.62
CA LEU D 231 17.53 21.36 9.46
C LEU D 231 18.86 21.90 9.92
N LYS D 232 19.91 21.58 9.16
CA LYS D 232 21.19 22.24 9.28
C LYS D 232 21.56 22.70 7.88
N LEU D 233 21.65 24.01 7.68
CA LEU D 233 21.86 24.58 6.37
C LEU D 233 23.10 25.47 6.42
N HIS D 234 23.80 25.54 5.29
CA HIS D 234 25.08 26.23 5.24
C HIS D 234 24.88 27.67 4.78
N LEU D 235 25.53 28.61 5.47
CA LEU D 235 25.43 30.02 5.13
C LEU D 235 26.16 30.30 3.82
N ASN D 236 25.81 31.44 3.21
CA ASN D 236 26.46 31.87 1.98
C ASN D 236 27.84 32.41 2.31
N ALA D 237 28.86 31.58 2.13
CA ALA D 237 30.22 32.00 2.42
C ALA D 237 31.20 31.35 1.45
#